data_8W9A
#
_entry.id   8W9A
#
_cell.length_a   1.00
_cell.length_b   1.00
_cell.length_c   1.00
_cell.angle_alpha   90.00
_cell.angle_beta   90.00
_cell.angle_gamma   90.00
#
_symmetry.space_group_name_H-M   'P 1'
#
loop_
_entity.id
_entity.type
_entity.pdbx_description
1 polymer 'Phosphatidylinositol 4,5-bisphosphate 3-kinase catalytic subunit alpha isoform'
2 polymer 'Phosphatidylinositol 3-kinase regulatory subunit alpha'
3 non-polymer '6-chloranyl-3-[[(1R)-1-[2-(1,3-dihydropyrrolo[3,4-c]pyridin-2-yl)-3,6-dimethyl-4-oxidanylidene-quinazolin-8-yl]ethyl]amino]pyridine-2-carboxylic acid'
4 water water
#
loop_
_entity_poly.entity_id
_entity_poly.type
_entity_poly.pdbx_seq_one_letter_code
_entity_poly.pdbx_strand_id
1 'polypeptide(L)'
;MPPRPSSGELWGIHLMPPRILVECLLPNGMIVTLECLREATLITIKHELFKEARKYPLHQLLQDESSYIFVSVTQEAERE
EFFDETRRLCDLRLFQPFLKVIEPVGNREEKILNREIGFAIGMPVCEFDMVKDPEVQDFRRNILNVCKEAVDLRDLNSPH
SRAMYVYPPNVESSPELPKHIYNKLDKGQIIVVIWVIVSPNNDKQKYTLKINHDCVPEQVIAEAIRKKTRSMLLSSEQLK
LCVLEYQGKYILKVCGCDEYFLEKYPLSQYKYIRSCIMLGRMPNLMLMAKESLYSQLPMDCFTMPSYSRRISTATPYMNG
ETSTKSLWVINSALRIKILCATYVNVNIRDIDKIYVRTGIYHGGEPLCDNVNTQRVPCSNPRWNEWLNYDIYIPDLPRAA
RLCLSICSVKGRKGAKEEHCPLAWGNINLFDYTDTLVSGKMALNLWPVPHGLEDLLNPIGVTGSNPNKETPCLELEFDWF
SSVVKFPDMSVIEEHANWSVSREAGFSYSHAGLSNRLARDNELRENDKEQLKAISTRDPLSEITEQEKDFLWSHRHYCVT
IPEILPKLLLSVKWNSRDEVAQMYCLVKDWPPIKPEQAMELLDCNYPDPMVRGFAVRCLEKYLTDDKLSQYLIQLVQVLK
YEQYLDNLLVRFLLKKALTNQRIGHFFFWHLKSEMHNKTVSQRFGLLLESYCRACGMYLKHLNRQVEAMEKLINLTDILK
QEKKDETQKVQMKFLVEQMRRPDFMDALQGFLSPLNPAHQLGNLRLEECRIMSSAKRPLWLNWENPDIMSELLFQNNEII
FKNGDDLRQDMLTLQIIRIMENIWQNQGLDLRMLPYGCLSIGDCVGLIEVVRNSHTIMQIQCKGGLKGALQFNSHTLHQW
LKDKNKGEIYDAAIDLFTRSCAGYCVATFILGIGDRHNSNIMVKDDGQLFHIDFGHFLDHKKKKFGYKRERVPFVLTQDF
LIVISKGAQECTKTREFERFQEMCYKAYLAIRQHANLFINLFSMMLGSGMPELQSFDDIAYIRKTLALDKTEQEALEYFM
KQMNDARHGGWTTKMDAAAHTIKQHALN
;
A
2 'polypeptide(L)'
;MSAEGYQYRALYDYKKEREEDIDLHLGDILTVNKGSLVALGFSDGQEARPEEIGWLNGYNETTGERGDFPGTYVEYIGRK
KISPPTPKPRPPRPLPVAPGSSKTEADVEQQALTLPDLAEQFAPPDIAPPLLIKLVEAIEKKGLECSTLYRTQSSSNLAE
LRQLLDCDTPSVDLEMIDVHVLADAFKRYLLDLPNPVIPAAVYSEMISLAPEVQSSEEYIQLLKKLIRSPSIPHQYWLTL
QYLLKHFFKLSQTSSKNLLNARVLSEIFSPMLFRFSAASSDNTENLIKVIEILISTEWNERQPAPALPPKPPKPTTVANN
GMNNNMSLQDAEWYWGDISREEVNEKLRDTADGTFLVRDASTKMHGDYTLTLRKGGNNKLIKIFHRDGKYGFSDPLTFSS
VVELINHYRNESLAQYNPKLDVKLLYPVSKYQQDQVVKEDNIEAVGKKLHEYNTQFQEKSREYDRLYEEYTRTSQEIQMK
RTAIEAFNETIKIFEEQCQTQERYSKEYIEKFKREGNEKEIQRIMHNYDKLKSRISEIIDSRRRLEEDLKKQAAEYREID
KRMNSIKPDLIQLRKTRDQYLMWLTQKGVRQKKLNEWLGNENTEDQYSLVEDDEDLPHHDEKTWNVGSSNRNKAENLLRG
KRDGTFLVRESSKQGCYACSVVVDGEVKHCVINKTATGYGFAEPYNLYSSLKELVLHYQHTSLVQHNDSLNVTLAYPVYA
QQRR
;
B
#
# COMPACT_ATOMS: atom_id res chain seq x y z
N ARG A 19 9.42 14.55 -40.99
CA ARG A 19 8.21 13.88 -41.45
C ARG A 19 6.97 14.46 -40.78
N ILE A 20 7.01 15.76 -40.50
CA ILE A 20 5.87 16.44 -39.92
C ILE A 20 6.06 17.93 -40.13
N LEU A 21 4.97 18.62 -40.45
CA LEU A 21 4.97 20.07 -40.55
C LEU A 21 4.89 20.68 -39.16
N VAL A 22 5.79 21.61 -38.87
CA VAL A 22 5.86 22.26 -37.58
C VAL A 22 5.70 23.76 -37.80
N GLU A 23 4.62 24.32 -37.26
CA GLU A 23 4.40 25.76 -37.36
C GLU A 23 5.27 26.49 -36.35
N CYS A 24 5.96 27.52 -36.80
CA CYS A 24 6.95 28.23 -36.00
C CYS A 24 6.58 29.70 -35.91
N LEU A 25 6.43 30.20 -34.69
CA LEU A 25 5.98 31.57 -34.43
C LEU A 25 7.20 32.41 -34.12
N LEU A 26 7.67 33.19 -35.10
CA LEU A 26 8.86 33.99 -34.93
C LEU A 26 8.56 35.21 -34.06
N PRO A 27 9.60 35.86 -33.54
CA PRO A 27 9.39 36.97 -32.61
C PRO A 27 9.07 38.29 -33.29
N ASN A 28 8.67 38.26 -34.55
CA ASN A 28 8.27 39.45 -35.29
C ASN A 28 6.88 39.33 -35.90
N GLY A 29 6.02 38.52 -35.26
CA GLY A 29 4.64 38.37 -35.70
C GLY A 29 4.43 37.56 -36.96
N MET A 30 5.48 36.90 -37.45
CA MET A 30 5.41 36.13 -38.69
C MET A 30 5.32 34.64 -38.38
N ILE A 31 4.61 33.91 -39.22
CA ILE A 31 4.43 32.48 -39.04
C ILE A 31 5.04 31.75 -40.23
N VAL A 32 5.52 30.54 -39.98
CA VAL A 32 6.25 29.74 -40.96
C VAL A 32 5.75 28.31 -40.88
N THR A 33 5.90 27.57 -41.98
CA THR A 33 5.60 26.14 -42.01
C THR A 33 6.89 25.41 -42.37
N LEU A 34 7.59 24.92 -41.36
CA LEU A 34 8.86 24.23 -41.51
C LEU A 34 8.61 22.73 -41.43
N GLU A 35 9.42 21.95 -42.15
CA GLU A 35 9.28 20.50 -42.18
C GLU A 35 10.60 19.85 -41.78
N CYS A 36 10.52 18.90 -40.86
CA CYS A 36 11.72 18.27 -40.31
C CYS A 36 11.45 16.78 -40.11
N LEU A 37 12.53 16.04 -39.93
CA LEU A 37 12.44 14.63 -39.59
C LEU A 37 12.30 14.45 -38.09
N ARG A 38 11.56 13.41 -37.69
CA ARG A 38 11.08 13.32 -36.32
C ARG A 38 12.18 13.00 -35.31
N GLU A 39 13.39 12.68 -35.75
CA GLU A 39 14.50 12.42 -34.86
C GLU A 39 15.47 13.59 -34.79
N ALA A 40 15.01 14.80 -35.06
CA ALA A 40 15.87 15.96 -35.14
C ALA A 40 15.93 16.68 -33.79
N THR A 41 17.15 17.01 -33.36
CA THR A 41 17.31 17.76 -32.12
C THR A 41 16.77 19.17 -32.31
N LEU A 42 16.75 19.94 -31.21
CA LEU A 42 16.27 21.31 -31.29
C LEU A 42 17.29 22.21 -31.95
N ILE A 43 18.58 21.91 -31.80
CA ILE A 43 19.62 22.70 -32.45
C ILE A 43 19.48 22.63 -33.97
N THR A 44 19.17 21.44 -34.50
CA THR A 44 18.97 21.29 -35.94
C THR A 44 17.80 22.13 -36.43
N ILE A 45 16.63 21.97 -35.80
CA ILE A 45 15.44 22.68 -36.26
C ILE A 45 15.61 24.18 -36.07
N LYS A 46 16.29 24.59 -34.99
CA LYS A 46 16.48 26.02 -34.77
C LYS A 46 17.41 26.63 -35.80
N HIS A 47 18.52 25.93 -36.09
CA HIS A 47 19.42 26.38 -37.13
C HIS A 47 18.70 26.48 -38.47
N GLU A 48 17.95 25.44 -38.82
CA GLU A 48 17.22 25.44 -40.09
C GLU A 48 16.16 26.53 -40.15
N LEU A 49 15.72 27.07 -38.99
CA LEU A 49 14.59 27.99 -39.00
C LEU A 49 14.99 29.39 -39.42
N PHE A 50 16.20 29.82 -39.10
CA PHE A 50 16.59 31.19 -39.39
C PHE A 50 17.26 31.33 -40.75
N LYS A 51 17.14 30.33 -41.61
CA LYS A 51 17.38 30.49 -43.05
C LYS A 51 16.08 30.49 -43.83
N GLU A 52 15.12 29.64 -43.44
CA GLU A 52 13.80 29.68 -44.03
C GLU A 52 13.05 30.96 -43.65
N ALA A 53 13.53 31.69 -42.64
CA ALA A 53 12.88 32.90 -42.18
C ALA A 53 13.43 34.17 -42.82
N ARG A 54 14.56 34.09 -43.50
CA ARG A 54 15.05 35.25 -44.24
C ARG A 54 14.37 35.41 -45.59
N LYS A 55 13.46 34.51 -45.95
CA LYS A 55 12.63 34.64 -47.13
C LYS A 55 11.27 35.24 -46.80
N TYR A 56 11.17 36.00 -45.73
CA TYR A 56 9.93 36.54 -45.18
C TYR A 56 10.13 38.01 -44.87
N PRO A 57 9.04 38.77 -44.68
CA PRO A 57 9.12 40.23 -44.83
C PRO A 57 10.05 40.96 -43.86
N LEU A 58 9.84 40.81 -42.56
CA LEU A 58 10.53 41.65 -41.58
C LEU A 58 11.74 40.96 -40.97
N HIS A 59 12.47 40.18 -41.76
CA HIS A 59 13.57 39.37 -41.24
C HIS A 59 14.79 40.18 -40.83
N GLN A 60 14.74 41.51 -40.85
CA GLN A 60 15.84 42.32 -40.36
C GLN A 60 15.62 42.82 -38.94
N LEU A 61 14.44 42.58 -38.37
CA LEU A 61 14.24 42.81 -36.95
C LEU A 61 14.90 41.71 -36.11
N LEU A 62 14.93 40.49 -36.65
CA LEU A 62 15.44 39.33 -35.92
C LEU A 62 16.92 39.50 -35.58
N GLN A 63 17.41 38.64 -34.70
CA GLN A 63 18.81 38.60 -34.30
C GLN A 63 19.41 37.24 -34.66
N ASP A 64 20.64 37.00 -34.21
CA ASP A 64 21.28 35.71 -34.38
C ASP A 64 20.46 34.63 -33.68
N GLU A 65 20.69 33.37 -34.06
CA GLU A 65 19.88 32.29 -33.52
C GLU A 65 20.03 32.19 -32.01
N SER A 66 21.23 32.34 -31.49
CA SER A 66 21.41 32.37 -30.05
C SER A 66 20.63 33.54 -29.45
N SER A 67 20.48 33.52 -28.12
CA SER A 67 19.65 34.42 -27.34
C SER A 67 18.16 34.13 -27.51
N TYR A 68 17.78 33.09 -28.25
CA TYR A 68 16.41 32.67 -28.41
C TYR A 68 16.28 31.20 -27.99
N ILE A 69 15.07 30.81 -27.62
CA ILE A 69 14.73 29.41 -27.34
C ILE A 69 13.30 29.16 -27.81
N PHE A 70 12.88 27.90 -27.72
CA PHE A 70 11.53 27.49 -28.10
C PHE A 70 10.64 27.38 -26.88
N VAL A 71 9.34 27.35 -27.13
CA VAL A 71 8.35 27.21 -26.07
C VAL A 71 7.10 26.63 -26.71
N SER A 72 6.46 25.71 -26.00
CA SER A 72 5.32 25.02 -26.57
C SER A 72 4.45 24.49 -25.44
N VAL A 73 3.44 23.70 -25.80
CA VAL A 73 2.52 23.09 -24.85
C VAL A 73 2.72 21.58 -24.91
N THR A 74 2.59 20.92 -23.78
CA THR A 74 2.76 19.48 -23.68
C THR A 74 1.42 18.80 -23.44
N GLN A 75 1.44 17.47 -23.50
CA GLN A 75 0.22 16.70 -23.34
C GLN A 75 -0.34 16.75 -21.93
N GLU A 76 0.45 17.16 -20.95
CA GLU A 76 -0.03 17.45 -19.62
C GLU A 76 -0.40 18.91 -19.45
N ALA A 77 -0.69 19.61 -20.55
CA ALA A 77 -1.24 20.96 -20.52
C ALA A 77 -0.25 21.97 -19.95
N GLU A 78 1.03 21.75 -20.19
CA GLU A 78 2.09 22.58 -19.62
C GLU A 78 2.72 23.46 -20.70
N ARG A 79 2.88 24.75 -20.38
CA ARG A 79 3.68 25.66 -21.18
C ARG A 79 5.14 25.43 -20.83
N GLU A 80 5.90 24.85 -21.74
CA GLU A 80 7.21 24.30 -21.43
C GLU A 80 8.28 25.05 -22.20
N GLU A 81 9.30 25.54 -21.50
CA GLU A 81 10.46 26.17 -22.12
C GLU A 81 11.58 25.14 -22.28
N PHE A 82 12.11 25.04 -23.49
CA PHE A 82 13.07 23.99 -23.82
C PHE A 82 14.48 24.58 -23.77
N PHE A 83 15.03 24.66 -22.55
CA PHE A 83 16.41 25.08 -22.36
C PHE A 83 17.41 24.01 -22.78
N ASP A 84 16.97 22.77 -22.92
CA ASP A 84 17.85 21.65 -23.24
C ASP A 84 17.73 21.42 -24.75
N GLU A 85 18.66 22.01 -25.49
CA GLU A 85 18.62 22.05 -26.96
C GLU A 85 18.95 20.73 -27.61
N THR A 86 19.35 19.71 -26.85
CA THR A 86 19.75 18.43 -27.42
C THR A 86 18.63 17.40 -27.43
N ARG A 87 17.51 17.67 -26.78
CA ARG A 87 16.35 16.79 -26.94
C ARG A 87 15.89 16.82 -28.39
N ARG A 88 15.05 15.86 -28.76
CA ARG A 88 14.62 15.75 -30.15
C ARG A 88 13.11 15.91 -30.26
N LEU A 89 12.63 15.94 -31.50
CA LEU A 89 11.25 16.32 -31.77
C LEU A 89 10.23 15.28 -31.31
N CYS A 90 10.65 14.03 -31.13
CA CYS A 90 9.71 12.99 -30.73
C CYS A 90 9.75 12.69 -29.24
N ASP A 91 10.79 13.16 -28.53
CA ASP A 91 10.86 13.04 -27.07
C ASP A 91 10.07 14.11 -26.34
N LEU A 92 9.45 15.06 -27.06
CA LEU A 92 8.94 16.25 -26.41
C LEU A 92 7.56 16.05 -25.81
N ARG A 93 6.77 15.11 -26.34
CA ARG A 93 5.41 14.89 -25.87
C ARG A 93 4.55 16.15 -26.05
N LEU A 94 4.65 16.74 -27.23
CA LEU A 94 3.87 17.94 -27.52
C LEU A 94 2.39 17.63 -27.53
N PHE A 95 1.57 18.67 -27.34
CA PHE A 95 0.14 18.52 -27.55
C PHE A 95 -0.20 18.69 -29.02
N GLN A 96 0.17 19.83 -29.61
CA GLN A 96 0.03 20.11 -31.02
C GLN A 96 1.40 20.39 -31.62
N PRO A 97 1.61 20.07 -32.89
CA PRO A 97 2.91 20.31 -33.54
C PRO A 97 3.17 21.77 -33.89
N PHE A 98 3.65 22.53 -32.91
CA PHE A 98 4.08 23.89 -33.19
C PHE A 98 5.18 24.28 -32.23
N LEU A 99 5.98 25.26 -32.64
CA LEU A 99 7.02 25.83 -31.80
C LEU A 99 6.83 27.34 -31.75
N LYS A 100 7.57 27.99 -30.86
CA LYS A 100 7.51 29.44 -30.76
C LYS A 100 8.81 29.96 -30.19
N VAL A 101 9.35 31.01 -30.81
CA VAL A 101 10.65 31.56 -30.44
C VAL A 101 10.43 32.74 -29.50
N ILE A 102 11.20 32.78 -28.42
CA ILE A 102 11.15 33.82 -27.42
C ILE A 102 12.57 34.05 -26.90
N GLU A 103 12.70 34.98 -25.99
CA GLU A 103 14.02 35.09 -25.39
C GLU A 103 14.02 34.46 -24.00
N PRO A 104 15.17 33.94 -23.57
CA PRO A 104 15.20 33.06 -22.39
C PRO A 104 15.13 33.85 -21.09
N VAL A 105 14.01 33.75 -20.39
CA VAL A 105 13.86 34.28 -19.04
C VAL A 105 13.71 33.11 -18.08
N GLY A 106 14.58 33.04 -17.08
CA GLY A 106 14.58 31.98 -16.11
C GLY A 106 15.98 31.46 -15.82
N ASN A 107 16.07 30.72 -14.73
CA ASN A 107 17.30 30.03 -14.36
C ASN A 107 17.44 28.80 -15.24
N ARG A 108 18.56 28.69 -15.95
CA ARG A 108 18.67 27.66 -16.98
C ARG A 108 18.97 26.29 -16.39
N GLU A 109 19.88 26.21 -15.41
CA GLU A 109 20.18 24.93 -14.77
C GLU A 109 19.01 24.42 -13.94
N GLU A 110 18.05 25.27 -13.65
CA GLU A 110 16.91 24.94 -12.80
C GLU A 110 15.69 24.54 -13.59
N LYS A 111 15.53 25.09 -14.79
CA LYS A 111 14.48 24.63 -15.70
C LYS A 111 14.79 23.25 -16.25
N ILE A 112 16.05 22.85 -16.27
CA ILE A 112 16.42 21.53 -16.75
C ILE A 112 16.15 20.48 -15.69
N LEU A 113 16.37 20.80 -14.42
CA LEU A 113 16.10 19.83 -13.37
C LEU A 113 14.61 19.63 -13.15
N ASN A 114 13.79 20.66 -13.38
CA ASN A 114 12.37 20.51 -13.14
C ASN A 114 11.71 19.59 -14.15
N ARG A 115 12.27 19.48 -15.34
CA ARG A 115 11.69 18.60 -16.34
C ARG A 115 12.10 17.16 -16.13
N GLU A 116 13.28 16.95 -15.55
CA GLU A 116 13.70 15.61 -15.16
C GLU A 116 12.93 15.10 -13.95
N ILE A 117 12.73 15.95 -12.94
CA ILE A 117 11.94 15.56 -11.79
C ILE A 117 10.50 15.29 -12.19
N GLY A 118 9.92 16.13 -13.04
CA GLY A 118 8.55 15.94 -13.44
C GLY A 118 8.33 14.71 -14.29
N PHE A 119 9.39 14.20 -14.91
CA PHE A 119 9.29 12.98 -15.71
C PHE A 119 9.35 11.74 -14.84
N ALA A 120 10.19 11.76 -13.80
CA ALA A 120 10.31 10.62 -12.91
C ALA A 120 9.00 10.35 -12.17
N ILE A 121 8.38 11.40 -11.62
CA ILE A 121 7.22 11.19 -10.76
C ILE A 121 5.90 11.19 -11.53
N GLY A 122 5.88 11.65 -12.77
CA GLY A 122 4.71 11.54 -13.60
C GLY A 122 3.73 12.69 -13.54
N MET A 123 4.16 13.87 -13.10
CA MET A 123 3.30 15.03 -13.08
C MET A 123 4.16 16.28 -13.08
N PRO A 124 3.72 17.36 -13.72
CA PRO A 124 4.53 18.58 -13.75
C PRO A 124 4.74 19.17 -12.37
N VAL A 125 5.94 19.71 -12.15
CA VAL A 125 6.26 20.36 -10.89
C VAL A 125 5.57 21.70 -10.77
N CYS A 126 5.12 22.29 -11.88
CA CYS A 126 4.45 23.57 -11.85
C CYS A 126 3.08 23.50 -11.19
N GLU A 127 2.46 22.32 -11.15
CA GLU A 127 1.16 22.17 -10.50
C GLU A 127 1.22 22.33 -8.99
N PHE A 128 2.40 22.17 -8.39
CA PHE A 128 2.54 22.35 -6.95
C PHE A 128 2.59 23.82 -6.57
N ASP A 129 3.11 24.67 -7.45
CA ASP A 129 3.14 26.10 -7.22
C ASP A 129 1.75 26.72 -7.23
N MET A 130 0.81 26.13 -7.96
CA MET A 130 -0.52 26.67 -8.10
C MET A 130 -1.50 26.15 -7.06
N VAL A 131 -1.00 25.68 -5.93
CA VAL A 131 -1.85 25.26 -4.82
C VAL A 131 -1.83 26.35 -3.77
N LYS A 132 -2.99 26.62 -3.18
CA LYS A 132 -3.12 27.72 -2.25
C LYS A 132 -3.21 27.30 -0.80
N ASP A 133 -3.37 26.00 -0.53
CA ASP A 133 -3.31 25.50 0.83
C ASP A 133 -1.99 25.88 1.48
N PRO A 134 -1.99 26.61 2.60
CA PRO A 134 -0.73 27.00 3.23
C PRO A 134 -0.03 25.86 3.97
N GLU A 135 -0.70 24.75 4.24
CA GLU A 135 -0.01 23.57 4.73
C GLU A 135 0.87 22.96 3.65
N VAL A 136 0.40 23.00 2.39
CA VAL A 136 1.18 22.45 1.30
C VAL A 136 2.41 23.30 1.02
N GLN A 137 2.30 24.62 1.15
CA GLN A 137 3.46 25.46 0.89
C GLN A 137 4.42 25.50 2.05
N ASP A 138 3.94 25.29 3.28
CA ASP A 138 4.86 25.14 4.40
C ASP A 138 5.68 23.87 4.29
N PHE A 139 5.06 22.77 3.84
CA PHE A 139 5.78 21.51 3.74
C PHE A 139 6.93 21.59 2.75
N ARG A 140 6.70 22.23 1.59
CA ARG A 140 7.67 22.21 0.52
C ARG A 140 8.97 22.88 0.91
N ARG A 141 8.90 24.00 1.62
CA ARG A 141 10.11 24.69 2.00
C ARG A 141 10.67 24.25 3.34
N ASN A 142 9.87 23.63 4.21
CA ASN A 142 10.38 23.11 5.46
C ASN A 142 10.98 21.72 5.35
N ILE A 143 10.66 20.98 4.30
CA ILE A 143 11.27 19.67 4.14
C ILE A 143 12.65 19.77 3.52
N LEU A 144 12.99 20.89 2.90
CA LEU A 144 14.33 21.15 2.39
C LEU A 144 15.39 21.21 3.49
N ASN A 145 14.99 21.21 4.75
CA ASN A 145 15.94 21.19 5.86
C ASN A 145 16.46 19.79 6.11
N VAL A 146 15.62 18.77 5.93
CA VAL A 146 16.10 17.39 6.02
C VAL A 146 17.02 17.08 4.85
N CYS A 147 16.65 17.52 3.65
CA CYS A 147 17.42 17.23 2.45
C CYS A 147 18.83 17.81 2.51
N LYS A 148 19.01 18.93 3.22
CA LYS A 148 20.32 19.55 3.28
C LYS A 148 21.23 18.89 4.32
N GLU A 149 20.66 18.43 5.43
CA GLU A 149 21.45 17.82 6.49
C GLU A 149 21.97 16.43 6.10
N ALA A 150 21.34 15.78 5.12
CA ALA A 150 21.82 14.49 4.65
C ALA A 150 22.91 14.65 3.60
N VAL A 151 22.78 15.63 2.71
CA VAL A 151 23.82 15.84 1.70
C VAL A 151 25.12 16.25 2.35
N ASP A 152 25.05 16.94 3.48
CA ASP A 152 26.27 17.23 4.23
C ASP A 152 26.80 16.00 4.93
N LEU A 153 25.97 14.99 5.14
CA LEU A 153 26.36 13.80 5.87
C LEU A 153 26.96 12.73 4.97
N ARG A 154 26.41 12.55 3.77
CA ARG A 154 26.99 11.64 2.78
C ARG A 154 28.10 12.28 1.99
N ASP A 155 28.65 13.37 2.51
CA ASP A 155 29.68 14.14 1.85
C ASP A 155 30.74 14.56 2.86
N LEU A 156 30.74 13.97 4.05
CA LEU A 156 31.60 14.43 5.14
C LEU A 156 33.05 13.96 4.95
N ASN A 157 33.28 12.66 4.99
CA ASN A 157 34.60 12.06 4.83
C ASN A 157 34.65 11.43 3.44
N SER A 158 35.19 12.16 2.49
CA SER A 158 35.18 11.76 1.10
C SER A 158 36.53 11.22 0.67
N PRO A 159 36.58 10.43 -0.42
CA PRO A 159 35.43 9.99 -1.22
C PRO A 159 34.82 8.69 -0.69
N HIS A 160 35.28 8.27 0.48
CA HIS A 160 34.82 7.02 1.07
C HIS A 160 33.34 7.10 1.41
N SER A 161 32.93 8.17 2.09
CA SER A 161 31.52 8.34 2.49
C SER A 161 30.58 8.43 1.30
N ARG A 162 31.08 8.84 0.15
CA ARG A 162 30.26 8.88 -1.06
C ARG A 162 30.14 7.51 -1.71
N ALA A 163 31.10 6.61 -1.48
CA ALA A 163 30.99 5.24 -1.99
C ALA A 163 30.08 4.40 -1.12
N MET A 164 30.18 4.57 0.20
CA MET A 164 29.27 3.88 1.12
C MET A 164 27.82 4.22 0.81
N TYR A 165 27.53 5.42 0.35
CA TYR A 165 26.18 5.79 -0.04
C TYR A 165 25.71 5.02 -1.26
N VAL A 166 26.56 4.95 -2.30
CA VAL A 166 26.14 4.34 -3.54
C VAL A 166 26.18 2.83 -3.46
N TYR A 167 27.16 2.28 -2.74
CA TYR A 167 27.32 0.84 -2.59
C TYR A 167 27.37 0.49 -1.10
N PRO A 168 26.23 0.48 -0.44
CA PRO A 168 26.20 0.25 1.01
C PRO A 168 26.28 -1.23 1.35
N PRO A 169 26.80 -1.57 2.53
CA PRO A 169 26.99 -2.98 2.87
C PRO A 169 25.68 -3.72 3.05
N ASN A 170 25.56 -4.86 2.38
CA ASN A 170 24.39 -5.71 2.52
C ASN A 170 24.73 -6.81 3.52
N VAL A 171 24.54 -6.50 4.81
CA VAL A 171 24.96 -7.41 5.88
C VAL A 171 23.75 -7.94 6.63
N GLU A 172 24.01 -8.81 7.61
CA GLU A 172 23.02 -9.30 8.54
C GLU A 172 23.03 -8.45 9.80
N SER A 173 21.92 -8.49 10.54
CA SER A 173 21.82 -7.70 11.76
C SER A 173 22.75 -8.19 12.87
N SER A 174 23.15 -9.46 12.84
CA SER A 174 23.78 -10.11 13.97
C SER A 174 25.05 -10.85 13.57
N PRO A 175 26.16 -10.62 14.28
CA PRO A 175 27.43 -11.28 13.90
C PRO A 175 27.53 -12.74 14.29
N GLU A 176 26.59 -13.28 15.06
CA GLU A 176 26.72 -14.65 15.55
C GLU A 176 26.03 -15.63 14.61
N LEU A 177 26.73 -16.70 14.28
CA LEU A 177 26.21 -17.73 13.40
C LEU A 177 25.34 -18.70 14.17
N PRO A 178 24.17 -19.05 13.67
CA PRO A 178 23.42 -20.17 14.25
C PRO A 178 24.27 -21.44 14.26
N LYS A 179 24.34 -22.08 15.43
CA LYS A 179 25.24 -23.21 15.60
C LYS A 179 24.94 -24.37 14.67
N HIS A 180 23.76 -24.41 14.05
CA HIS A 180 23.49 -25.39 13.01
C HIS A 180 24.04 -24.95 11.65
N ILE A 181 24.35 -23.67 11.50
CA ILE A 181 25.07 -23.15 10.35
C ILE A 181 26.58 -23.23 10.58
N TYR A 182 27.01 -22.99 11.81
CA TYR A 182 28.43 -23.06 12.15
C TYR A 182 29.01 -24.43 11.87
N ASN A 183 28.18 -25.49 11.96
CA ASN A 183 28.69 -26.83 11.78
C ASN A 183 28.91 -27.20 10.32
N LYS A 184 28.49 -26.35 9.39
CA LYS A 184 28.82 -26.56 7.98
C LYS A 184 30.19 -26.03 7.62
N LEU A 185 30.92 -25.47 8.59
CA LEU A 185 32.25 -24.93 8.38
C LEU A 185 33.21 -25.72 9.25
N ASP A 186 34.18 -26.38 8.61
CA ASP A 186 35.11 -27.23 9.35
C ASP A 186 36.05 -26.38 10.19
N LYS A 187 35.84 -26.39 11.51
CA LYS A 187 36.70 -25.70 12.45
C LYS A 187 36.62 -24.19 12.28
N GLY A 188 35.47 -23.69 11.82
CA GLY A 188 35.33 -22.26 11.60
C GLY A 188 36.22 -21.73 10.50
N GLN A 189 36.30 -22.44 9.38
CA GLN A 189 37.11 -22.06 8.24
C GLN A 189 36.23 -21.97 7.01
N ILE A 190 36.56 -21.03 6.14
CA ILE A 190 35.88 -20.85 4.86
C ILE A 190 36.95 -20.90 3.78
N ILE A 191 36.59 -21.41 2.61
CA ILE A 191 37.49 -21.40 1.46
C ILE A 191 36.90 -20.44 0.43
N VAL A 192 37.71 -19.49 -0.03
CA VAL A 192 37.28 -18.45 -0.96
C VAL A 192 38.21 -18.46 -2.16
N VAL A 193 37.68 -18.04 -3.30
CA VAL A 193 38.43 -17.96 -4.55
C VAL A 193 38.52 -16.49 -4.93
N ILE A 194 39.72 -15.93 -4.85
CA ILE A 194 39.95 -14.51 -5.08
C ILE A 194 40.57 -14.35 -6.46
N TRP A 195 39.80 -13.82 -7.41
CA TRP A 195 40.25 -13.62 -8.77
C TRP A 195 41.04 -12.32 -8.91
N VAL A 196 41.91 -12.27 -9.91
CA VAL A 196 42.70 -11.09 -10.21
C VAL A 196 42.89 -11.01 -11.71
N ILE A 197 42.38 -9.94 -12.32
CA ILE A 197 42.61 -9.68 -13.74
C ILE A 197 43.89 -8.86 -13.85
N VAL A 198 44.93 -9.46 -14.42
CA VAL A 198 46.27 -8.89 -14.43
C VAL A 198 46.67 -8.38 -15.80
N SER A 199 46.63 -9.25 -16.81
CA SER A 199 47.14 -8.87 -18.12
C SER A 199 46.21 -7.84 -18.78
N PRO A 200 46.77 -6.96 -19.61
CA PRO A 200 45.91 -6.12 -20.45
C PRO A 200 44.98 -6.94 -21.33
N ASN A 201 45.41 -8.15 -21.71
CA ASN A 201 44.54 -9.08 -22.41
C ASN A 201 43.89 -10.07 -21.44
N ASN A 202 43.29 -9.52 -20.37
CA ASN A 202 42.36 -10.21 -19.47
C ASN A 202 42.88 -11.56 -18.99
N ASP A 203 44.03 -11.53 -18.31
CA ASP A 203 44.55 -12.75 -17.68
C ASP A 203 43.82 -12.94 -16.35
N LYS A 204 42.93 -13.92 -16.29
CA LYS A 204 42.13 -14.21 -15.12
C LYS A 204 42.86 -15.22 -14.24
N GLN A 205 43.50 -14.73 -13.19
CA GLN A 205 44.13 -15.58 -12.19
C GLN A 205 43.17 -15.84 -11.04
N LYS A 206 43.27 -17.02 -10.44
CA LYS A 206 42.46 -17.39 -9.30
C LYS A 206 43.36 -17.80 -8.14
N TYR A 207 42.88 -17.53 -6.92
CA TYR A 207 43.63 -17.70 -5.68
C TYR A 207 42.67 -18.27 -4.65
N THR A 208 42.82 -19.56 -4.32
CA THR A 208 41.94 -20.23 -3.38
C THR A 208 42.57 -20.17 -1.99
N LEU A 209 41.80 -19.70 -1.02
CA LEU A 209 42.27 -19.46 0.34
C LEU A 209 41.39 -20.19 1.34
N LYS A 210 41.88 -20.25 2.58
CA LYS A 210 41.13 -20.79 3.70
C LYS A 210 41.36 -19.89 4.91
N ILE A 211 40.27 -19.39 5.50
CA ILE A 211 40.34 -18.32 6.48
C ILE A 211 39.23 -18.49 7.52
N ASN A 212 39.48 -17.94 8.71
CA ASN A 212 38.46 -17.89 9.75
C ASN A 212 37.23 -17.13 9.27
N HIS A 213 36.05 -17.62 9.65
CA HIS A 213 34.80 -17.04 9.19
C HIS A 213 34.54 -15.64 9.73
N ASP A 214 35.38 -15.10 10.61
CA ASP A 214 35.10 -13.83 11.27
C ASP A 214 36.16 -12.77 11.00
N CYS A 215 37.03 -12.97 10.01
CA CYS A 215 38.00 -11.95 9.69
C CYS A 215 37.40 -10.90 8.76
N VAL A 216 38.01 -9.73 8.75
CA VAL A 216 37.47 -8.56 8.06
C VAL A 216 38.09 -8.45 6.68
N PRO A 217 37.47 -7.74 5.73
CA PRO A 217 37.96 -7.76 4.35
C PRO A 217 39.33 -7.15 4.17
N GLU A 218 39.85 -6.42 5.14
CA GLU A 218 41.24 -6.00 5.06
C GLU A 218 42.20 -7.11 5.49
N GLN A 219 41.71 -8.16 6.13
CA GLN A 219 42.52 -9.33 6.45
C GLN A 219 42.37 -10.44 5.43
N VAL A 220 41.33 -10.40 4.61
CA VAL A 220 41.22 -11.30 3.47
C VAL A 220 42.16 -10.87 2.36
N ILE A 221 42.13 -9.58 2.01
CA ILE A 221 43.05 -9.03 1.01
C ILE A 221 44.50 -9.23 1.44
N ALA A 222 44.79 -9.11 2.73
CA ALA A 222 46.17 -9.20 3.20
C ALA A 222 46.80 -10.55 2.88
N GLU A 223 45.99 -11.61 2.79
CA GLU A 223 46.50 -12.92 2.45
C GLU A 223 46.50 -13.21 0.96
N ALA A 224 45.59 -12.61 0.21
CA ALA A 224 45.60 -12.78 -1.25
C ALA A 224 46.82 -12.11 -1.87
N ILE A 225 47.45 -11.18 -1.15
CA ILE A 225 48.65 -10.54 -1.68
C ILE A 225 49.88 -11.37 -1.36
N ARG A 226 49.94 -11.97 -0.17
CA ARG A 226 51.07 -12.82 0.15
C ARG A 226 51.10 -14.07 -0.71
N LYS A 227 49.93 -14.60 -1.09
CA LYS A 227 49.92 -15.79 -1.93
C LYS A 227 50.24 -15.47 -3.38
N LYS A 228 49.97 -14.25 -3.83
CA LYS A 228 50.42 -13.80 -5.14
C LYS A 228 51.84 -13.27 -5.10
N THR A 229 52.42 -13.12 -3.92
CA THR A 229 53.81 -12.70 -3.78
C THR A 229 54.07 -11.33 -4.38
N GLN A 247 44.69 3.55 1.98
CA GLN A 247 44.98 2.75 3.16
C GLN A 247 45.06 1.27 2.79
N GLY A 248 44.20 0.86 1.87
CA GLY A 248 44.15 -0.52 1.45
C GLY A 248 44.50 -0.73 0.00
N LYS A 249 44.15 0.25 -0.85
CA LYS A 249 44.53 0.27 -2.26
C LYS A 249 43.73 -0.73 -3.09
N TYR A 250 42.95 -1.58 -2.43
CA TYR A 250 42.15 -2.62 -3.08
C TYR A 250 40.82 -2.72 -2.36
N ILE A 251 39.80 -3.13 -3.10
CA ILE A 251 38.52 -3.49 -2.53
C ILE A 251 38.16 -4.89 -3.02
N LEU A 252 37.18 -5.49 -2.39
CA LEU A 252 36.67 -6.79 -2.80
C LEU A 252 35.27 -6.63 -3.36
N LYS A 253 35.01 -7.29 -4.47
CA LYS A 253 33.77 -7.21 -5.20
C LYS A 253 33.22 -8.62 -5.38
N VAL A 254 31.90 -8.72 -5.49
CA VAL A 254 31.27 -10.01 -5.79
C VAL A 254 31.26 -10.19 -7.31
N CYS A 255 31.86 -11.29 -7.77
CA CYS A 255 32.00 -11.54 -9.20
C CYS A 255 30.65 -11.72 -9.87
N GLY A 256 30.22 -10.73 -10.66
CA GLY A 256 29.04 -10.86 -11.47
C GLY A 256 27.94 -9.87 -11.18
N CYS A 257 27.96 -9.11 -10.09
CA CYS A 257 26.81 -8.27 -9.76
C CYS A 257 27.13 -6.91 -9.16
N ASP A 258 28.38 -6.46 -9.18
CA ASP A 258 28.88 -5.21 -8.57
C ASP A 258 28.25 -4.91 -7.20
N GLU A 259 28.46 -5.84 -6.28
CA GLU A 259 28.32 -5.61 -4.86
C GLU A 259 29.71 -5.56 -4.24
N TYR A 260 29.86 -4.78 -3.19
CA TYR A 260 31.18 -4.48 -2.67
C TYR A 260 31.22 -4.76 -1.18
N PHE A 261 32.42 -4.99 -0.66
CA PHE A 261 32.66 -5.18 0.76
C PHE A 261 33.56 -4.03 1.19
N LEU A 262 32.93 -2.93 1.64
CA LEU A 262 33.65 -1.68 1.92
C LEU A 262 33.81 -1.39 3.40
N GLU A 263 32.80 -1.66 4.21
CA GLU A 263 32.86 -1.38 5.63
C GLU A 263 33.32 -2.60 6.42
N LYS A 264 33.96 -2.35 7.55
CA LYS A 264 34.50 -3.41 8.38
C LYS A 264 33.38 -4.22 9.01
N TYR A 265 33.30 -5.49 8.67
CA TYR A 265 32.44 -6.44 9.35
C TYR A 265 33.12 -7.80 9.31
N PRO A 266 32.75 -8.71 10.21
CA PRO A 266 33.13 -10.11 10.02
C PRO A 266 32.61 -10.61 8.68
N LEU A 267 33.45 -11.38 7.98
CA LEU A 267 33.15 -11.77 6.62
C LEU A 267 31.86 -12.56 6.52
N SER A 268 31.56 -13.37 7.52
CA SER A 268 30.36 -14.20 7.52
C SER A 268 29.10 -13.45 7.89
N GLN A 269 29.14 -12.12 8.00
CA GLN A 269 27.93 -11.37 8.23
C GLN A 269 27.39 -10.70 6.99
N TYR A 270 28.21 -10.50 5.95
CA TYR A 270 27.67 -10.14 4.65
C TYR A 270 26.74 -11.23 4.16
N LYS A 271 25.62 -10.84 3.58
CA LYS A 271 24.63 -11.80 3.14
C LYS A 271 25.14 -12.69 2.02
N TYR A 272 26.19 -12.29 1.32
CA TYR A 272 26.74 -13.14 0.26
C TYR A 272 27.50 -14.32 0.85
N ILE A 273 28.46 -14.03 1.73
CA ILE A 273 29.24 -15.09 2.35
C ILE A 273 28.37 -15.91 3.28
N ARG A 274 27.39 -15.29 3.94
CA ARG A 274 26.45 -15.97 4.81
C ARG A 274 25.53 -16.92 4.06
N SER A 275 25.36 -16.74 2.76
CA SER A 275 24.50 -17.61 1.96
C SER A 275 25.28 -18.59 1.11
N CYS A 276 26.61 -18.51 1.09
CA CYS A 276 27.43 -19.58 0.54
C CYS A 276 27.88 -20.56 1.61
N ILE A 277 27.62 -20.27 2.88
CA ILE A 277 27.93 -21.23 3.93
C ILE A 277 26.78 -22.20 4.14
N MET A 278 25.55 -21.74 3.93
CA MET A 278 24.40 -22.61 4.12
C MET A 278 23.82 -23.10 2.80
N LEU A 279 24.60 -23.19 1.74
CA LEU A 279 24.19 -23.84 0.51
C LEU A 279 25.28 -24.72 -0.09
N GLY A 280 26.42 -24.83 0.55
CA GLY A 280 27.49 -25.68 0.05
C GLY A 280 28.21 -25.15 -1.16
N ARG A 281 27.93 -23.92 -1.58
CA ARG A 281 28.58 -23.36 -2.75
C ARG A 281 29.90 -22.71 -2.37
N MET A 282 30.60 -22.18 -3.36
CA MET A 282 31.90 -21.56 -3.17
C MET A 282 31.79 -20.06 -3.45
N PRO A 283 32.32 -19.20 -2.58
CA PRO A 283 32.29 -17.76 -2.87
C PRO A 283 33.41 -17.35 -3.82
N ASN A 284 33.05 -16.47 -4.76
CA ASN A 284 33.96 -15.95 -5.79
C ASN A 284 34.06 -14.44 -5.64
N LEU A 285 35.25 -13.96 -5.25
CA LEU A 285 35.49 -12.55 -5.00
C LEU A 285 36.63 -12.08 -5.89
N MET A 286 36.51 -10.88 -6.43
CA MET A 286 37.53 -10.31 -7.30
C MET A 286 38.12 -9.06 -6.69
N LEU A 287 39.42 -8.89 -6.85
CA LEU A 287 40.21 -7.93 -6.10
C LEU A 287 40.48 -6.68 -6.94
N MET A 288 39.58 -5.71 -6.87
CA MET A 288 39.71 -4.46 -7.59
C MET A 288 40.62 -3.48 -6.85
N ALA A 289 40.76 -2.28 -7.42
CA ALA A 289 41.53 -1.19 -6.85
C ALA A 289 40.62 0.00 -6.52
N LYS A 290 40.95 0.70 -5.43
CA LYS A 290 40.10 1.79 -4.97
C LYS A 290 39.97 2.91 -5.99
N GLU A 291 41.02 3.18 -6.76
CA GLU A 291 40.97 4.30 -7.68
C GLU A 291 40.00 4.05 -8.84
N SER A 292 39.74 2.79 -9.19
CA SER A 292 38.82 2.51 -10.28
C SER A 292 37.36 2.55 -9.84
N LEU A 293 37.08 2.41 -8.54
CA LEU A 293 35.73 2.57 -8.05
C LEU A 293 35.42 4.03 -7.73
N TYR A 294 36.35 4.74 -7.10
CA TYR A 294 36.18 6.13 -6.76
C TYR A 294 36.07 7.03 -7.98
N SER A 295 36.48 6.56 -9.15
CA SER A 295 36.48 7.40 -10.34
C SER A 295 35.25 7.22 -11.20
N GLN A 296 34.45 6.18 -10.96
CA GLN A 296 33.18 6.05 -11.65
C GLN A 296 32.04 6.68 -10.86
N LEU A 297 32.36 7.37 -9.75
CA LEU A 297 31.40 8.11 -8.96
C LEU A 297 31.25 9.53 -9.51
N PRO A 298 30.20 9.81 -10.27
CA PRO A 298 30.01 11.18 -10.76
C PRO A 298 29.59 12.10 -9.63
N MET A 299 30.23 13.27 -9.54
CA MET A 299 29.94 14.19 -8.47
C MET A 299 28.61 14.89 -8.70
N ASP A 300 27.95 15.24 -7.60
CA ASP A 300 26.61 15.81 -7.66
C ASP A 300 26.44 16.79 -6.49
N CYS A 301 25.68 17.85 -6.74
CA CYS A 301 25.55 18.94 -5.79
C CYS A 301 24.09 19.34 -5.64
N PHE A 302 23.74 19.75 -4.44
CA PHE A 302 22.37 20.14 -4.08
C PHE A 302 22.28 21.66 -4.00
N THR A 303 21.37 22.24 -4.77
CA THR A 303 21.10 23.67 -4.73
C THR A 303 19.64 23.91 -4.37
N MET A 304 19.40 24.94 -3.58
CA MET A 304 18.05 25.21 -3.09
C MET A 304 17.18 25.74 -4.23
N PRO A 305 15.94 25.29 -4.33
CA PRO A 305 15.07 25.74 -5.42
C PRO A 305 14.56 27.17 -5.29
N SER A 306 13.67 27.54 -6.22
CA SER A 306 13.13 28.89 -6.26
C SER A 306 12.23 29.18 -5.07
N TYR A 307 11.36 28.23 -4.71
CA TYR A 307 10.40 28.43 -3.64
C TYR A 307 11.03 28.39 -2.26
N SER A 308 12.32 28.04 -2.15
CA SER A 308 13.01 28.15 -0.87
C SER A 308 13.24 29.62 -0.51
N ARG A 309 13.77 30.38 -1.46
CA ARG A 309 14.00 31.80 -1.24
C ARG A 309 12.69 32.53 -0.96
N ARG A 310 11.62 32.13 -1.65
CA ARG A 310 10.32 32.74 -1.44
C ARG A 310 9.85 32.57 0.00
N ILE A 311 9.30 33.63 0.57
CA ILE A 311 8.70 33.59 1.89
C ILE A 311 9.74 33.30 2.96
N THR A 322 -3.63 37.78 17.63
CA THR A 322 -3.36 38.73 18.70
C THR A 322 -3.78 38.11 20.03
N SER A 323 -5.06 38.27 20.36
CA SER A 323 -5.63 37.65 21.55
C SER A 323 -6.01 36.20 21.23
N THR A 324 -5.51 35.27 22.05
CA THR A 324 -5.70 33.85 21.84
C THR A 324 -6.22 33.21 23.11
N LYS A 325 -7.31 32.46 22.99
CA LYS A 325 -7.89 31.73 24.10
C LYS A 325 -7.37 30.30 24.09
N SER A 326 -7.02 29.80 25.26
CA SER A 326 -6.68 28.39 25.38
C SER A 326 -7.92 27.53 25.11
N LEU A 327 -7.69 26.27 24.76
CA LEU A 327 -8.82 25.37 24.60
C LEU A 327 -9.52 25.11 25.92
N TRP A 328 -8.80 25.23 27.03
CA TRP A 328 -9.28 24.85 28.34
C TRP A 328 -9.92 25.99 29.12
N VAL A 329 -10.28 27.08 28.46
CA VAL A 329 -11.06 28.13 29.11
C VAL A 329 -12.44 28.28 28.51
N ILE A 330 -12.73 27.61 27.39
CA ILE A 330 -14.08 27.62 26.88
C ILE A 330 -14.98 26.86 27.85
N ASN A 331 -16.27 27.17 27.81
CA ASN A 331 -17.24 26.50 28.67
C ASN A 331 -18.51 26.33 27.85
N SER A 332 -18.61 25.20 27.15
CA SER A 332 -19.74 24.99 26.26
C SER A 332 -19.61 23.61 25.63
N ALA A 333 -20.74 23.09 25.16
CA ALA A 333 -20.74 21.86 24.41
C ALA A 333 -20.33 22.13 22.96
N LEU A 334 -20.00 21.05 22.26
CA LEU A 334 -19.66 21.15 20.85
C LEU A 334 -20.92 21.03 20.02
N ARG A 335 -21.02 21.87 18.99
CA ARG A 335 -22.16 21.85 18.09
C ARG A 335 -21.71 22.29 16.70
N ILE A 336 -22.37 21.74 15.68
CA ILE A 336 -22.00 21.97 14.30
C ILE A 336 -23.26 22.15 13.49
N LYS A 337 -23.20 23.00 12.47
CA LYS A 337 -24.36 23.33 11.65
C LYS A 337 -24.20 22.78 10.25
N ILE A 338 -25.24 22.09 9.76
CA ILE A 338 -25.25 21.51 8.43
C ILE A 338 -26.18 22.36 7.57
N LEU A 339 -25.63 22.99 6.53
CA LEU A 339 -26.41 23.92 5.73
C LEU A 339 -27.13 23.23 4.58
N CYS A 340 -26.39 22.64 3.65
CA CYS A 340 -27.04 22.07 2.48
C CYS A 340 -26.02 21.28 1.67
N ALA A 341 -26.53 20.40 0.82
CA ALA A 341 -25.72 19.66 -0.13
C ALA A 341 -25.98 20.17 -1.54
N THR A 342 -24.92 20.36 -2.32
CA THR A 342 -25.09 20.87 -3.67
C THR A 342 -25.88 19.90 -4.54
N TYR A 343 -25.41 18.66 -4.68
CA TYR A 343 -26.23 17.73 -5.42
C TYR A 343 -25.92 16.30 -5.03
N VAL A 344 -26.93 15.44 -5.15
CA VAL A 344 -26.77 14.01 -4.92
C VAL A 344 -27.50 13.27 -6.02
N ASN A 345 -26.94 12.14 -6.43
CA ASN A 345 -27.44 11.39 -7.59
C ASN A 345 -28.33 10.26 -7.09
N VAL A 346 -29.55 10.63 -6.74
CA VAL A 346 -30.54 9.68 -6.24
C VAL A 346 -31.79 9.81 -7.10
N ASN A 347 -32.40 8.67 -7.39
CA ASN A 347 -33.67 8.66 -8.09
C ASN A 347 -34.79 9.07 -7.15
N ILE A 348 -35.86 9.60 -7.72
CA ILE A 348 -36.99 10.01 -6.90
C ILE A 348 -37.96 8.86 -6.66
N ARG A 349 -38.00 7.87 -7.53
CA ARG A 349 -38.93 6.77 -7.43
C ARG A 349 -38.33 5.53 -6.78
N ASP A 350 -37.12 5.63 -6.23
CA ASP A 350 -36.48 4.50 -5.57
C ASP A 350 -36.05 4.79 -4.15
N ILE A 351 -35.81 6.06 -3.80
CA ILE A 351 -35.36 6.44 -2.47
C ILE A 351 -36.27 7.53 -1.93
N ASP A 352 -36.72 7.36 -0.69
CA ASP A 352 -37.68 8.28 -0.08
C ASP A 352 -37.01 9.55 0.44
N LYS A 353 -36.11 9.41 1.42
CA LYS A 353 -35.53 10.54 2.11
C LYS A 353 -34.01 10.42 2.10
N ILE A 354 -33.34 11.51 2.52
CA ILE A 354 -31.91 11.52 2.75
C ILE A 354 -31.63 12.35 3.98
N TYR A 355 -30.50 12.10 4.61
CA TYR A 355 -30.10 12.81 5.82
C TYR A 355 -28.59 12.78 5.92
N VAL A 356 -28.05 13.53 6.88
CA VAL A 356 -26.61 13.56 7.12
C VAL A 356 -26.32 12.93 8.47
N ARG A 357 -25.39 11.98 8.48
CA ARG A 357 -24.98 11.21 9.66
C ARG A 357 -23.60 11.66 10.08
N THR A 358 -23.44 12.09 11.32
CA THR A 358 -22.15 12.58 11.79
C THR A 358 -21.68 11.80 13.01
N GLY A 359 -20.45 12.08 13.42
CA GLY A 359 -19.86 11.49 14.61
C GLY A 359 -18.49 12.05 14.92
N ILE A 360 -18.09 12.05 16.18
CA ILE A 360 -16.75 12.48 16.59
C ILE A 360 -15.93 11.24 16.90
N TYR A 361 -14.70 11.18 16.38
CA TYR A 361 -13.87 9.99 16.42
C TYR A 361 -12.45 10.32 16.85
N HIS A 362 -11.85 9.40 17.61
CA HIS A 362 -10.42 9.42 17.95
C HIS A 362 -9.84 8.10 17.45
N GLY A 363 -9.51 8.05 16.16
CA GLY A 363 -8.94 6.88 15.55
C GLY A 363 -9.76 5.60 15.59
N GLY A 364 -10.92 5.59 14.94
CA GLY A 364 -11.71 4.40 14.85
C GLY A 364 -12.79 4.24 15.90
N GLU A 365 -12.63 4.85 17.07
CA GLU A 365 -13.60 4.75 18.15
C GLU A 365 -14.37 6.05 18.34
N PRO A 366 -15.68 5.97 18.58
CA PRO A 366 -16.45 7.18 18.84
C PRO A 366 -16.17 7.77 20.21
N LEU A 367 -16.22 9.09 20.29
CA LEU A 367 -16.08 9.82 21.54
C LEU A 367 -17.42 10.18 22.16
N CYS A 368 -18.51 9.83 21.50
CA CYS A 368 -19.86 10.13 21.94
C CYS A 368 -20.79 9.45 20.96
N ASP A 369 -22.09 9.51 21.18
CA ASP A 369 -23.00 8.82 20.27
C ASP A 369 -23.27 9.68 19.04
N ASN A 370 -23.53 9.03 17.91
CA ASN A 370 -23.66 9.74 16.66
C ASN A 370 -24.96 10.53 16.62
N VAL A 371 -25.02 11.50 15.71
CA VAL A 371 -26.15 12.42 15.61
C VAL A 371 -26.58 12.52 14.15
N ASN A 372 -27.87 12.33 13.89
CA ASN A 372 -28.47 12.49 12.57
C ASN A 372 -29.05 13.89 12.40
N THR A 373 -29.36 14.23 11.15
CA THR A 373 -30.22 15.37 10.86
C THR A 373 -31.63 14.85 10.58
N GLN A 374 -32.52 15.75 10.19
CA GLN A 374 -33.86 15.35 9.82
C GLN A 374 -33.88 14.82 8.39
N ARG A 375 -34.86 13.98 8.11
CA ARG A 375 -34.99 13.38 6.78
C ARG A 375 -35.76 14.33 5.87
N VAL A 376 -35.13 14.73 4.77
CA VAL A 376 -35.74 15.66 3.83
C VAL A 376 -36.04 14.92 2.53
N PRO A 377 -36.84 15.49 1.63
CA PRO A 377 -37.07 14.82 0.34
C PRO A 377 -35.85 14.90 -0.55
N CYS A 378 -35.73 13.92 -1.45
CA CYS A 378 -34.51 13.74 -2.22
C CYS A 378 -34.20 14.92 -3.13
N SER A 379 -35.18 15.77 -3.43
CA SER A 379 -35.01 16.87 -4.37
C SER A 379 -34.70 18.20 -3.70
N ASN A 380 -34.77 18.28 -2.37
CA ASN A 380 -34.54 19.52 -1.63
C ASN A 380 -33.62 19.25 -0.46
N PRO A 381 -32.33 19.03 -0.70
CA PRO A 381 -31.39 18.79 0.40
C PRO A 381 -30.90 20.06 1.09
N ARG A 382 -31.71 20.57 2.00
CA ARG A 382 -31.30 21.70 2.83
C ARG A 382 -31.79 21.45 4.26
N TRP A 383 -30.93 21.67 5.23
CA TRP A 383 -31.27 21.36 6.61
C TRP A 383 -31.20 22.58 7.52
N ASN A 384 -30.10 23.33 7.51
CA ASN A 384 -29.97 24.56 8.28
C ASN A 384 -30.20 24.30 9.76
N GLU A 385 -29.34 23.48 10.34
CA GLU A 385 -29.65 22.80 11.59
C GLU A 385 -28.41 22.69 12.45
N TRP A 386 -28.50 23.13 13.70
CA TRP A 386 -27.42 22.95 14.66
C TRP A 386 -27.54 21.57 15.30
N LEU A 387 -26.48 20.78 15.20
CA LEU A 387 -26.40 19.49 15.85
C LEU A 387 -25.61 19.65 17.14
N ASN A 388 -26.03 18.93 18.18
CA ASN A 388 -25.45 19.06 19.50
C ASN A 388 -24.81 17.74 19.90
N TYR A 389 -23.58 17.82 20.41
CA TYR A 389 -22.80 16.65 20.76
C TYR A 389 -22.57 16.62 22.26
N ASP A 390 -22.47 15.41 22.81
CA ASP A 390 -22.29 15.22 24.23
C ASP A 390 -20.84 15.30 24.65
N ILE A 391 -20.04 15.99 23.85
CA ILE A 391 -18.65 16.24 24.17
C ILE A 391 -18.54 17.71 24.57
N TYR A 392 -17.83 17.95 25.64
CA TYR A 392 -17.58 19.28 26.17
C TYR A 392 -16.29 19.80 25.54
N ILE A 393 -16.27 21.08 25.18
CA ILE A 393 -15.17 21.60 24.35
C ILE A 393 -13.80 21.38 24.96
N PRO A 394 -13.56 21.66 26.24
CA PRO A 394 -12.22 21.40 26.80
C PRO A 394 -11.84 19.93 26.83
N ASP A 395 -12.77 19.00 26.62
CA ASP A 395 -12.49 17.57 26.64
C ASP A 395 -12.25 16.98 25.26
N LEU A 396 -11.96 17.79 24.26
CA LEU A 396 -11.60 17.28 22.95
C LEU A 396 -10.11 16.97 22.87
N PRO A 397 -9.73 15.79 22.44
CA PRO A 397 -8.31 15.47 22.29
C PRO A 397 -7.72 16.00 20.99
N ARG A 398 -6.39 16.08 20.99
CA ARG A 398 -5.62 16.72 19.94
C ARG A 398 -5.77 16.05 18.58
N ALA A 399 -6.33 14.86 18.50
CA ALA A 399 -6.47 14.15 17.24
C ALA A 399 -7.92 13.81 16.93
N ALA A 400 -8.85 14.61 17.42
CA ALA A 400 -10.27 14.43 17.13
C ALA A 400 -10.57 14.75 15.68
N ARG A 401 -11.52 14.04 15.11
CA ARG A 401 -11.97 14.28 13.74
C ARG A 401 -13.48 14.22 13.69
N LEU A 402 -14.03 14.91 12.70
CA LEU A 402 -15.45 14.78 12.36
C LEU A 402 -15.59 13.88 11.15
N CYS A 403 -16.43 12.86 11.26
CA CYS A 403 -16.65 11.88 10.22
C CYS A 403 -18.13 11.91 9.83
N LEU A 404 -18.42 12.13 8.56
CA LEU A 404 -19.80 12.29 8.15
C LEU A 404 -20.04 11.66 6.78
N SER A 405 -21.30 11.28 6.55
CA SER A 405 -21.74 10.74 5.28
C SER A 405 -23.13 11.25 4.98
N ILE A 406 -23.51 11.18 3.71
CA ILE A 406 -24.87 11.42 3.28
C ILE A 406 -25.51 10.07 3.01
N CYS A 407 -26.64 9.80 3.67
CA CYS A 407 -27.28 8.51 3.65
C CYS A 407 -28.71 8.65 3.17
N SER A 408 -29.24 7.56 2.66
CA SER A 408 -30.60 7.50 2.14
C SER A 408 -31.39 6.46 2.92
N VAL A 409 -32.69 6.67 3.00
CA VAL A 409 -33.60 5.72 3.64
C VAL A 409 -34.61 5.26 2.60
N LYS A 410 -34.61 3.97 2.31
CA LYS A 410 -35.62 3.40 1.42
C LYS A 410 -36.82 2.90 2.21
N GLY A 411 -36.59 1.95 3.12
CA GLY A 411 -37.63 1.43 3.97
C GLY A 411 -38.77 0.82 3.19
N ARG A 412 -39.92 1.48 3.19
CA ARG A 412 -41.02 1.25 2.26
C ARG A 412 -41.67 -0.13 2.42
N LYS A 413 -41.19 -0.97 3.35
CA LYS A 413 -41.65 -2.35 3.45
C LYS A 413 -41.54 -2.77 4.91
N GLY A 414 -42.65 -2.69 5.63
CA GLY A 414 -42.64 -3.05 7.03
C GLY A 414 -42.07 -1.93 7.88
N ALA A 415 -41.20 -2.29 8.83
CA ALA A 415 -40.60 -1.32 9.74
C ALA A 415 -39.10 -1.29 9.72
N LYS A 416 -38.42 -2.38 9.37
CA LYS A 416 -36.96 -2.41 9.38
C LYS A 416 -36.47 -1.53 8.24
N GLU A 417 -36.05 -0.31 8.57
CA GLU A 417 -35.59 0.62 7.55
C GLU A 417 -34.26 0.16 6.97
N GLU A 418 -34.07 0.47 5.69
CA GLU A 418 -32.88 0.06 4.94
C GLU A 418 -32.06 1.32 4.66
N HIS A 419 -30.89 1.41 5.27
CA HIS A 419 -30.03 2.58 5.20
C HIS A 419 -28.79 2.29 4.37
N CYS A 420 -28.36 3.28 3.58
CA CYS A 420 -27.27 3.04 2.66
C CYS A 420 -26.49 4.33 2.43
N PRO A 421 -25.18 4.30 2.56
CA PRO A 421 -24.40 5.54 2.41
C PRO A 421 -24.16 5.91 0.95
N LEU A 422 -24.15 7.22 0.70
CA LEU A 422 -23.94 7.75 -0.64
C LEU A 422 -22.55 8.34 -0.82
N ALA A 423 -22.10 9.16 0.11
CA ALA A 423 -20.78 9.78 0.03
C ALA A 423 -20.30 10.08 1.44
N TRP A 424 -18.99 10.01 1.64
CA TRP A 424 -18.41 10.16 2.96
C TRP A 424 -17.35 11.27 2.93
N GLY A 425 -16.99 11.74 4.11
CA GLY A 425 -15.95 12.74 4.22
C GLY A 425 -15.49 12.92 5.64
N ASN A 426 -14.21 13.25 5.86
CA ASN A 426 -13.68 13.41 7.20
C ASN A 426 -12.97 14.76 7.29
N ILE A 427 -12.93 15.32 8.50
CA ILE A 427 -12.36 16.64 8.76
C ILE A 427 -11.60 16.58 10.07
N ASN A 428 -10.39 17.15 10.08
CA ASN A 428 -9.70 17.40 11.34
C ASN A 428 -10.33 18.58 12.05
N LEU A 429 -10.45 18.50 13.36
CA LEU A 429 -11.02 19.58 14.14
C LEU A 429 -9.97 20.60 14.57
N PHE A 430 -8.71 20.22 14.61
CA PHE A 430 -7.60 21.13 14.76
C PHE A 430 -6.79 21.06 13.47
N ASP A 431 -6.15 22.17 13.10
CA ASP A 431 -5.30 22.14 11.92
C ASP A 431 -3.86 21.92 12.36
N TYR A 432 -2.93 22.03 11.40
CA TYR A 432 -1.55 21.67 11.67
C TYR A 432 -0.82 22.68 12.55
N THR A 433 -1.45 23.81 12.88
CA THR A 433 -0.85 24.78 13.79
C THR A 433 -1.50 24.78 15.17
N ASP A 434 -2.29 23.76 15.50
CA ASP A 434 -2.98 23.62 16.79
C ASP A 434 -4.10 24.65 16.95
N THR A 435 -4.92 24.82 15.92
CA THR A 435 -6.00 25.79 15.94
C THR A 435 -7.33 25.12 15.65
N LEU A 436 -8.32 25.37 16.50
CA LEU A 436 -9.65 24.82 16.31
C LEU A 436 -10.35 25.53 15.16
N VAL A 437 -11.06 24.77 14.35
CA VAL A 437 -11.59 25.29 13.10
C VAL A 437 -12.86 26.08 13.36
N SER A 438 -12.99 27.22 12.66
CA SER A 438 -14.08 28.17 12.87
C SER A 438 -14.69 28.54 11.53
N GLY A 439 -15.92 29.02 11.59
CA GLY A 439 -16.56 29.61 10.43
C GLY A 439 -16.98 28.60 9.39
N LYS A 440 -17.46 29.15 8.27
CA LYS A 440 -18.01 28.33 7.21
C LYS A 440 -16.93 27.50 6.54
N MET A 441 -17.36 26.37 5.97
CA MET A 441 -16.46 25.43 5.34
C MET A 441 -17.21 24.71 4.24
N ALA A 442 -16.52 24.40 3.16
CA ALA A 442 -17.07 23.62 2.07
C ALA A 442 -16.26 22.35 1.91
N LEU A 443 -16.92 21.26 1.56
CA LEU A 443 -16.29 19.95 1.56
C LEU A 443 -16.89 19.13 0.43
N ASN A 444 -16.07 18.76 -0.53
CA ASN A 444 -16.47 17.80 -1.54
C ASN A 444 -16.22 16.40 -1.01
N LEU A 445 -17.13 15.48 -1.32
CA LEU A 445 -17.13 14.20 -0.67
C LEU A 445 -16.60 13.12 -1.61
N TRP A 446 -16.33 11.97 -1.05
CA TRP A 446 -15.70 10.84 -1.71
C TRP A 446 -16.71 9.74 -2.00
N PRO A 447 -16.53 8.97 -3.06
CA PRO A 447 -17.41 7.83 -3.31
C PRO A 447 -17.20 6.74 -2.28
N VAL A 448 -18.26 5.99 -2.01
CA VAL A 448 -18.16 4.89 -1.06
C VAL A 448 -17.20 3.84 -1.61
N PRO A 449 -16.32 3.26 -0.79
CA PRO A 449 -15.47 2.18 -1.29
C PRO A 449 -16.28 0.96 -1.68
N HIS A 450 -15.85 0.28 -2.73
CA HIS A 450 -16.52 -0.94 -3.15
C HIS A 450 -16.33 -2.01 -2.08
N GLY A 451 -17.44 -2.60 -1.64
CA GLY A 451 -17.37 -3.60 -0.60
C GLY A 451 -17.55 -3.08 0.81
N LEU A 452 -18.14 -1.90 0.96
CA LEU A 452 -18.40 -1.32 2.27
C LEU A 452 -19.88 -1.05 2.42
N GLU A 453 -20.40 -1.26 3.62
CA GLU A 453 -21.80 -0.96 3.88
C GLU A 453 -22.03 -0.30 5.24
N ASP A 454 -20.99 -0.01 6.00
CA ASP A 454 -21.14 0.80 7.19
C ASP A 454 -21.60 2.20 6.80
N LEU A 455 -22.09 2.96 7.77
CA LEU A 455 -22.60 4.29 7.45
C LEU A 455 -21.55 5.38 7.54
N LEU A 456 -20.57 5.28 8.42
CA LEU A 456 -19.44 6.21 8.39
C LEU A 456 -18.20 5.49 7.86
N ASN A 457 -17.15 6.25 7.61
CA ASN A 457 -15.88 5.71 7.12
C ASN A 457 -14.74 6.35 7.89
N PRO A 458 -14.61 6.02 9.18
CA PRO A 458 -13.59 6.69 10.01
C PRO A 458 -12.16 6.38 9.63
N ILE A 459 -11.92 5.44 8.71
CA ILE A 459 -10.57 5.05 8.35
C ILE A 459 -10.10 5.69 7.06
N GLY A 460 -10.98 6.35 6.32
CA GLY A 460 -10.58 7.08 5.15
C GLY A 460 -9.71 8.27 5.48
N VAL A 461 -9.31 8.98 4.44
CA VAL A 461 -8.42 10.13 4.56
C VAL A 461 -9.23 11.38 4.86
N THR A 462 -8.55 12.41 5.35
CA THR A 462 -9.18 13.70 5.59
C THR A 462 -8.88 14.66 4.44
N GLY A 463 -9.82 15.56 4.20
CA GLY A 463 -9.68 16.55 3.16
C GLY A 463 -10.80 16.46 2.14
N SER A 464 -10.80 17.46 1.27
CA SER A 464 -11.80 17.55 0.21
C SER A 464 -11.39 16.72 -0.99
N ASN A 465 -12.37 16.24 -1.71
CA ASN A 465 -12.12 15.56 -2.96
C ASN A 465 -11.58 16.57 -3.95
N PRO A 466 -10.38 16.37 -4.52
CA PRO A 466 -9.83 17.40 -5.42
C PRO A 466 -10.64 17.55 -6.69
N ASN A 467 -11.34 16.52 -7.11
CA ASN A 467 -12.37 16.66 -8.12
C ASN A 467 -13.50 17.54 -7.58
N LYS A 468 -14.02 18.43 -8.41
CA LYS A 468 -14.97 19.42 -7.94
C LYS A 468 -16.36 19.34 -8.57
N GLU A 469 -16.59 18.41 -9.50
CA GLU A 469 -17.96 18.12 -9.91
C GLU A 469 -18.48 16.91 -9.16
N THR A 470 -18.47 17.03 -7.84
CA THR A 470 -18.88 15.98 -6.91
C THR A 470 -19.84 16.59 -5.90
N PRO A 471 -20.48 15.77 -5.07
CA PRO A 471 -21.36 16.31 -4.03
C PRO A 471 -20.60 17.19 -3.05
N CYS A 472 -21.08 18.42 -2.88
CA CYS A 472 -20.47 19.38 -1.98
C CYS A 472 -21.45 19.69 -0.86
N LEU A 473 -20.98 19.55 0.37
CA LEU A 473 -21.77 19.79 1.57
C LEU A 473 -21.23 21.00 2.29
N GLU A 474 -22.12 21.87 2.77
CA GLU A 474 -21.76 23.10 3.45
C GLU A 474 -21.88 22.95 4.95
N LEU A 475 -20.90 23.47 5.67
CA LEU A 475 -20.83 23.34 7.12
C LEU A 475 -20.63 24.72 7.75
N GLU A 476 -20.60 24.72 9.07
CA GLU A 476 -20.54 25.96 9.84
C GLU A 476 -20.08 25.61 11.25
N PHE A 477 -18.98 26.20 11.68
CA PHE A 477 -18.42 25.92 12.99
C PHE A 477 -18.58 27.12 13.89
N ASP A 478 -18.89 26.85 15.16
CA ASP A 478 -19.23 27.90 16.10
C ASP A 478 -18.03 28.79 16.35
N TRP A 479 -18.27 30.10 16.48
CA TRP A 479 -17.22 31.09 16.69
C TRP A 479 -17.25 31.58 18.12
N PHE A 480 -16.09 31.64 18.77
CA PHE A 480 -15.97 32.03 20.16
C PHE A 480 -15.19 33.33 20.31
N SER A 481 -15.35 34.23 19.35
CA SER A 481 -14.86 35.62 19.45
C SER A 481 -13.35 35.71 19.65
N SER A 482 -12.60 34.74 19.12
CA SER A 482 -11.16 34.71 19.31
C SER A 482 -10.58 33.56 18.50
N VAL A 483 -9.26 33.43 18.55
CA VAL A 483 -8.55 32.27 18.01
C VAL A 483 -8.25 31.33 19.16
N VAL A 484 -8.70 30.08 19.03
CA VAL A 484 -8.60 29.09 20.09
C VAL A 484 -7.48 28.11 19.73
N LYS A 485 -6.49 27.98 20.60
CA LYS A 485 -5.39 27.06 20.42
C LYS A 485 -5.49 25.90 21.41
N PHE A 486 -4.95 24.75 21.03
CA PHE A 486 -4.79 23.62 21.94
C PHE A 486 -3.63 23.91 22.88
N PRO A 487 -3.74 23.57 24.17
CA PRO A 487 -2.70 23.96 25.13
C PRO A 487 -1.33 23.41 24.79
N ASP A 488 -0.33 23.90 25.49
CA ASP A 488 1.04 23.43 25.35
C ASP A 488 1.43 22.56 26.53
N MET A 489 2.48 21.78 26.35
CA MET A 489 2.71 20.66 27.25
C MET A 489 3.32 21.10 28.59
N SER A 490 3.58 22.39 28.79
CA SER A 490 3.86 22.86 30.14
C SER A 490 2.59 23.15 30.90
N VAL A 491 1.53 23.60 30.21
CA VAL A 491 0.22 23.75 30.82
C VAL A 491 -0.41 22.40 31.09
N ILE A 492 -0.11 21.40 30.24
CA ILE A 492 -0.68 20.07 30.41
C ILE A 492 -0.01 19.34 31.56
N GLU A 493 1.29 19.59 31.79
CA GLU A 493 1.96 19.00 32.93
C GLU A 493 1.58 19.67 34.24
N GLU A 494 1.09 20.90 34.20
CA GLU A 494 0.52 21.52 35.39
C GLU A 494 -0.76 20.83 35.80
N HIS A 495 -1.60 20.49 34.82
CA HIS A 495 -2.90 19.90 35.12
C HIS A 495 -2.77 18.47 35.61
N ALA A 496 -1.78 17.74 35.11
CA ALA A 496 -1.58 16.35 35.53
C ALA A 496 -1.25 16.28 37.01
N ASN A 497 -0.32 17.11 37.47
CA ASN A 497 0.04 17.18 38.88
C ASN A 497 -1.04 17.83 39.74
N TRP A 498 -2.20 18.17 39.17
CA TRP A 498 -3.33 18.67 39.92
C TRP A 498 -4.35 17.57 40.17
N SER A 499 -4.79 16.88 39.13
CA SER A 499 -5.75 15.79 39.23
C SER A 499 -5.12 14.50 39.76
N VAL A 500 -3.87 14.54 40.16
CA VAL A 500 -3.23 13.44 40.86
C VAL A 500 -3.57 13.50 42.34
N LEU A 523 3.73 1.02 46.53
CA LEU A 523 2.77 0.24 47.31
C LEU A 523 2.68 -1.17 46.72
N ARG A 524 3.29 -2.12 47.43
CA ARG A 524 3.46 -3.46 46.91
C ARG A 524 2.12 -4.14 46.64
N GLU A 525 2.11 -5.07 45.68
CA GLU A 525 0.95 -5.90 45.41
C GLU A 525 1.43 -7.28 45.01
N ASN A 526 0.49 -8.22 44.93
CA ASN A 526 0.80 -9.61 44.60
C ASN A 526 0.28 -10.03 43.23
N ASP A 527 -0.51 -9.19 42.58
CA ASP A 527 -1.04 -9.47 41.24
C ASP A 527 -0.15 -8.89 40.14
N LYS A 528 1.16 -9.18 40.25
CA LYS A 528 2.09 -8.99 39.15
C LYS A 528 1.93 -10.05 38.07
N GLU A 529 1.21 -11.12 38.36
CA GLU A 529 1.02 -12.21 37.42
C GLU A 529 -0.15 -11.97 36.49
N GLN A 530 -1.06 -11.08 36.85
CA GLN A 530 -2.11 -10.68 35.93
C GLN A 530 -1.61 -9.65 34.92
N LEU A 531 -0.67 -8.80 35.34
CA LEU A 531 -0.08 -7.85 34.39
C LEU A 531 0.83 -8.55 33.39
N LYS A 532 1.46 -9.66 33.78
CA LYS A 532 2.32 -10.40 32.86
C LYS A 532 1.50 -11.16 31.84
N ALA A 533 0.36 -11.72 32.25
CA ALA A 533 -0.48 -12.45 31.31
C ALA A 533 -1.09 -11.51 30.28
N ILE A 534 -1.48 -10.30 30.69
CA ILE A 534 -2.06 -9.36 29.75
C ILE A 534 -1.00 -8.86 28.77
N SER A 535 0.23 -8.71 29.25
CA SER A 535 1.31 -8.16 28.44
C SER A 535 1.60 -9.02 27.22
N THR A 536 1.51 -10.35 27.36
CA THR A 536 1.92 -11.28 26.32
C THR A 536 0.74 -11.76 25.49
N ARG A 537 -0.27 -10.94 25.30
CA ARG A 537 -1.46 -11.37 24.61
C ARG A 537 -1.54 -10.73 23.23
N ASP A 538 -2.39 -11.28 22.39
CA ASP A 538 -2.46 -10.89 20.98
C ASP A 538 -2.85 -9.42 20.85
N PRO A 539 -2.40 -8.74 19.81
CA PRO A 539 -2.83 -7.34 19.59
C PRO A 539 -4.29 -7.19 19.16
N LEU A 540 -5.00 -8.30 18.90
CA LEU A 540 -6.43 -8.26 18.62
C LEU A 540 -7.21 -9.09 19.63
N SER A 541 -6.65 -9.31 20.81
CA SER A 541 -7.38 -10.07 21.82
C SER A 541 -8.33 -9.15 22.58
N GLU A 542 -9.41 -9.74 23.06
CA GLU A 542 -10.45 -9.02 23.77
C GLU A 542 -9.94 -8.47 25.10
N ILE A 543 -10.39 -7.28 25.45
CA ILE A 543 -10.10 -6.67 26.74
C ILE A 543 -11.43 -6.27 27.37
N THR A 544 -11.73 -6.80 28.55
CA THR A 544 -13.00 -6.53 29.20
C THR A 544 -12.95 -5.20 29.95
N GLU A 545 -14.08 -4.83 30.53
CA GLU A 545 -14.14 -3.59 31.30
C GLU A 545 -13.45 -3.73 32.64
N GLN A 546 -13.36 -4.95 33.18
CA GLN A 546 -12.68 -5.13 34.45
C GLN A 546 -11.17 -5.01 34.31
N GLU A 547 -10.63 -5.34 33.14
CA GLU A 547 -9.19 -5.28 32.91
C GLU A 547 -8.72 -3.89 32.52
N LYS A 548 -9.59 -3.10 31.90
CA LYS A 548 -9.28 -1.69 31.68
C LYS A 548 -9.24 -0.93 32.99
N ASP A 549 -10.13 -1.24 33.91
CA ASP A 549 -10.10 -0.62 35.23
C ASP A 549 -8.87 -1.09 35.99
N PHE A 550 -8.48 -2.34 35.81
CA PHE A 550 -7.30 -2.90 36.47
C PHE A 550 -6.02 -2.32 35.88
N LEU A 551 -5.94 -2.22 34.56
CA LEU A 551 -4.76 -1.64 33.93
C LEU A 551 -4.57 -0.19 34.33
N TRP A 552 -5.65 0.60 34.30
CA TRP A 552 -5.49 2.03 34.53
C TRP A 552 -5.16 2.36 35.98
N SER A 553 -5.55 1.52 36.93
CA SER A 553 -5.28 1.82 38.33
C SER A 553 -3.87 1.39 38.74
N HIS A 554 -3.27 0.44 38.04
CA HIS A 554 -1.90 0.02 38.30
C HIS A 554 -0.91 0.63 37.32
N ARG A 555 -1.25 1.78 36.75
CA ARG A 555 -0.48 2.36 35.67
C ARG A 555 0.92 2.79 36.07
N HIS A 556 1.18 2.96 37.37
CA HIS A 556 2.52 3.35 37.79
C HIS A 556 3.47 2.19 37.95
N TYR A 557 2.96 0.97 38.01
CA TYR A 557 3.80 -0.21 38.03
C TYR A 557 3.95 -0.85 36.67
N CYS A 558 3.21 -0.39 35.66
CA CYS A 558 3.34 -0.91 34.32
C CYS A 558 4.62 -0.48 33.64
N VAL A 559 5.36 0.47 34.22
CA VAL A 559 6.66 0.85 33.69
C VAL A 559 7.72 -0.21 33.97
N THR A 560 7.36 -1.27 34.70
CA THR A 560 8.22 -2.41 34.94
C THR A 560 8.08 -3.46 33.85
N ILE A 561 6.93 -3.52 33.20
CA ILE A 561 6.69 -4.39 32.06
C ILE A 561 6.57 -3.50 30.84
N PRO A 562 7.69 -3.02 30.28
CA PRO A 562 7.60 -1.92 29.30
C PRO A 562 6.86 -2.27 28.03
N GLU A 563 6.64 -3.55 27.74
CA GLU A 563 5.93 -3.96 26.55
C GLU A 563 4.43 -4.01 26.76
N ILE A 564 3.92 -3.49 27.87
CA ILE A 564 2.48 -3.46 28.09
C ILE A 564 1.86 -2.15 27.62
N LEU A 565 2.68 -1.23 27.09
CA LEU A 565 2.19 0.08 26.71
C LEU A 565 1.06 0.06 25.68
N PRO A 566 1.05 -0.81 24.66
CA PRO A 566 -0.11 -0.85 23.76
C PRO A 566 -1.43 -1.15 24.44
N LYS A 567 -1.45 -1.93 25.52
CA LYS A 567 -2.70 -2.26 26.19
C LYS A 567 -3.14 -1.21 27.19
N LEU A 568 -2.19 -0.52 27.83
CA LEU A 568 -2.50 0.56 28.73
C LEU A 568 -3.00 1.81 28.02
N LEU A 569 -2.71 1.97 26.73
CA LEU A 569 -3.21 3.11 25.97
C LEU A 569 -4.66 2.93 25.54
N LEU A 570 -5.12 1.69 25.40
CA LEU A 570 -6.52 1.44 25.09
C LEU A 570 -7.41 1.42 26.32
N SER A 571 -6.84 1.63 27.50
CA SER A 571 -7.61 1.74 28.73
C SER A 571 -7.88 3.19 29.11
N VAL A 572 -7.16 4.13 28.51
CA VAL A 572 -7.37 5.55 28.76
C VAL A 572 -8.73 5.96 28.23
N LYS A 573 -9.35 6.93 28.91
CA LYS A 573 -10.52 7.61 28.38
C LYS A 573 -10.05 8.86 27.66
N TRP A 574 -10.20 8.87 26.33
CA TRP A 574 -9.67 9.98 25.55
C TRP A 574 -10.61 11.17 25.53
N ASN A 575 -11.89 10.96 25.84
CA ASN A 575 -12.83 12.06 25.99
C ASN A 575 -12.80 12.64 27.39
N SER A 576 -11.72 12.45 28.13
CA SER A 576 -11.53 13.04 29.45
C SER A 576 -10.14 13.64 29.50
N ARG A 577 -10.06 14.96 29.68
CA ARG A 577 -8.76 15.61 29.63
C ARG A 577 -7.95 15.41 30.90
N ASP A 578 -8.58 14.96 31.98
CA ASP A 578 -7.82 14.66 33.19
C ASP A 578 -6.99 13.39 33.01
N GLU A 579 -7.54 12.39 32.34
CA GLU A 579 -6.79 11.16 32.14
C GLU A 579 -5.75 11.29 31.04
N VAL A 580 -6.06 12.03 29.98
CA VAL A 580 -5.07 12.19 28.91
C VAL A 580 -3.87 12.99 29.41
N ALA A 581 -4.07 13.91 30.34
CA ALA A 581 -2.95 14.68 30.88
C ALA A 581 -2.00 13.80 31.68
N GLN A 582 -2.53 12.82 32.40
CA GLN A 582 -1.70 11.90 33.17
C GLN A 582 -0.99 10.90 32.28
N MET A 583 -1.62 10.53 31.17
CA MET A 583 -0.97 9.64 30.21
C MET A 583 0.23 10.30 29.55
N TYR A 584 0.12 11.60 29.24
CA TYR A 584 1.24 12.29 28.60
C TYR A 584 2.47 12.33 29.49
N CYS A 585 2.29 12.60 30.78
CA CYS A 585 3.43 12.66 31.68
C CYS A 585 4.07 11.31 31.89
N LEU A 586 3.37 10.24 31.53
CA LEU A 586 3.79 8.88 31.75
C LEU A 586 4.46 8.27 30.53
N VAL A 587 4.13 8.78 29.34
CA VAL A 587 4.82 8.43 28.11
C VAL A 587 6.15 9.17 28.00
N LYS A 588 6.25 10.34 28.64
CA LYS A 588 7.46 11.14 28.56
C LYS A 588 8.64 10.51 29.28
N ASP A 589 8.40 9.54 30.16
CA ASP A 589 9.46 8.86 30.89
C ASP A 589 9.47 7.36 30.62
N TRP A 590 8.89 6.92 29.54
CA TRP A 590 8.72 5.50 29.31
C TRP A 590 10.03 4.91 28.77
N PRO A 591 10.37 3.68 29.13
CA PRO A 591 11.59 3.06 28.63
C PRO A 591 11.40 2.56 27.21
N PRO A 592 12.41 2.66 26.36
CA PRO A 592 12.24 2.27 24.96
C PRO A 592 11.99 0.79 24.79
N ILE A 593 11.33 0.44 23.69
CA ILE A 593 10.91 -0.93 23.43
C ILE A 593 11.46 -1.35 22.07
N LYS A 594 11.35 -2.64 21.79
CA LYS A 594 11.91 -3.16 20.56
C LYS A 594 11.18 -2.59 19.35
N PRO A 595 11.90 -2.38 18.25
CA PRO A 595 11.25 -1.83 17.05
C PRO A 595 10.16 -2.70 16.46
N GLU A 596 10.08 -3.97 16.84
CA GLU A 596 9.00 -4.81 16.34
C GLU A 596 7.71 -4.49 17.08
N GLN A 597 7.82 -4.03 18.32
CA GLN A 597 6.68 -3.68 19.15
C GLN A 597 6.27 -2.22 18.99
N ALA A 598 7.20 -1.35 18.61
CA ALA A 598 6.87 0.04 18.34
C ALA A 598 6.15 0.23 17.02
N MET A 599 6.29 -0.69 16.08
CA MET A 599 5.56 -0.59 14.82
C MET A 599 4.07 -0.80 15.00
N GLU A 600 3.64 -1.46 16.08
CA GLU A 600 2.21 -1.56 16.36
C GLU A 600 1.61 -0.21 16.71
N LEU A 601 2.39 0.67 17.34
CA LEU A 601 1.89 1.98 17.74
C LEU A 601 1.73 2.94 16.59
N LEU A 602 1.97 2.51 15.36
CA LEU A 602 1.91 3.38 14.19
C LEU A 602 0.75 3.06 13.27
N ASP A 603 -0.13 2.15 13.63
CA ASP A 603 -1.31 1.93 12.82
C ASP A 603 -2.43 2.86 13.29
N CYS A 604 -3.63 2.65 12.77
CA CYS A 604 -4.74 3.59 12.88
C CYS A 604 -5.44 3.57 14.24
N ASN A 605 -5.01 2.75 15.19
CA ASN A 605 -5.62 2.75 16.52
C ASN A 605 -4.92 3.64 17.51
N TYR A 606 -3.88 4.37 17.12
CA TYR A 606 -3.08 5.19 18.04
C TYR A 606 -2.80 6.54 17.42
N PRO A 607 -3.84 7.35 17.20
CA PRO A 607 -3.65 8.58 16.41
C PRO A 607 -2.92 9.68 17.15
N ASP A 608 -2.75 9.58 18.45
CA ASP A 608 -2.26 10.69 19.22
C ASP A 608 -0.82 11.02 18.85
N PRO A 609 -0.48 12.28 18.64
CA PRO A 609 0.87 12.62 18.17
C PRO A 609 1.97 12.50 19.22
N MET A 610 1.67 12.52 20.51
CA MET A 610 2.70 12.26 21.50
C MET A 610 3.05 10.78 21.58
N VAL A 611 2.10 9.91 21.26
CA VAL A 611 2.34 8.47 21.24
C VAL A 611 3.11 8.08 20.00
N ARG A 612 2.85 8.75 18.88
CA ARG A 612 3.49 8.39 17.62
C ARG A 612 4.91 8.89 17.53
N GLY A 613 5.28 9.92 18.29
CA GLY A 613 6.65 10.36 18.31
C GLY A 613 7.53 9.51 19.20
N PHE A 614 6.95 8.94 20.25
CA PHE A 614 7.64 7.91 21.03
C PHE A 614 7.97 6.71 20.15
N ALA A 615 7.03 6.29 19.31
CA ALA A 615 7.28 5.15 18.43
C ALA A 615 8.39 5.45 17.42
N VAL A 616 8.40 6.64 16.82
CA VAL A 616 9.43 6.97 15.87
C VAL A 616 10.79 7.13 16.53
N ARG A 617 10.85 7.46 17.81
CA ARG A 617 12.14 7.56 18.47
C ARG A 617 12.73 6.20 18.80
N CYS A 618 11.90 5.17 18.94
CA CYS A 618 12.41 3.83 19.16
C CYS A 618 12.94 3.20 17.89
N LEU A 619 12.42 3.62 16.74
CA LEU A 619 12.96 3.11 15.47
C LEU A 619 14.32 3.73 15.17
N GLU A 620 14.47 5.01 15.44
CA GLU A 620 15.70 5.70 15.07
C GLU A 620 16.86 5.36 15.98
N LYS A 621 16.65 4.55 17.02
CA LYS A 621 17.73 4.06 17.87
C LYS A 621 18.02 2.58 17.70
N TYR A 622 17.02 1.77 17.34
CA TYR A 622 17.18 0.32 17.39
C TYR A 622 16.85 -0.38 16.08
N LEU A 623 16.48 0.32 15.03
CA LEU A 623 16.16 -0.32 13.76
C LEU A 623 17.37 -0.19 12.83
N THR A 624 17.86 -1.33 12.35
CA THR A 624 18.99 -1.39 11.46
C THR A 624 18.54 -1.33 10.01
N ASP A 625 19.48 -1.00 9.11
CA ASP A 625 19.15 -0.90 7.69
C ASP A 625 18.67 -2.23 7.14
N ASP A 626 19.16 -3.34 7.68
CA ASP A 626 18.70 -4.65 7.27
C ASP A 626 17.21 -4.83 7.52
N LYS A 627 16.75 -4.50 8.72
CA LYS A 627 15.34 -4.68 9.06
C LYS A 627 14.47 -3.59 8.46
N LEU A 628 15.03 -2.40 8.22
CA LEU A 628 14.26 -1.35 7.58
C LEU A 628 13.91 -1.73 6.15
N SER A 629 14.82 -2.41 5.45
CA SER A 629 14.53 -2.95 4.14
C SER A 629 13.48 -4.06 4.22
N GLN A 630 13.53 -4.85 5.28
CA GLN A 630 12.53 -5.88 5.49
C GLN A 630 11.14 -5.30 5.67
N TYR A 631 11.04 -4.12 6.28
CA TYR A 631 9.76 -3.56 6.73
C TYR A 631 9.41 -2.26 6.02
N LEU A 632 9.87 -2.07 4.79
CA LEU A 632 9.65 -0.79 4.11
C LEU A 632 8.27 -0.70 3.48
N ILE A 633 7.67 -1.83 3.12
CA ILE A 633 6.30 -1.83 2.60
C ILE A 633 5.34 -1.30 3.66
N GLN A 634 5.46 -1.77 4.89
CA GLN A 634 4.54 -1.37 5.94
C GLN A 634 4.78 0.05 6.43
N LEU A 635 6.02 0.51 6.43
CA LEU A 635 6.31 1.87 6.85
C LEU A 635 5.83 2.92 5.86
N VAL A 636 5.51 2.52 4.63
CA VAL A 636 4.98 3.44 3.64
C VAL A 636 3.45 3.47 3.64
N GLN A 637 2.80 2.43 4.16
CA GLN A 637 1.35 2.45 4.27
C GLN A 637 0.87 3.27 5.46
N VAL A 638 1.66 3.33 6.54
CA VAL A 638 1.25 4.09 7.71
C VAL A 638 1.52 5.58 7.55
N LEU A 639 2.09 5.99 6.42
CA LEU A 639 2.11 7.40 6.07
C LEU A 639 0.72 7.91 5.73
N LYS A 640 -0.15 7.06 5.20
CA LYS A 640 -1.53 7.43 4.91
C LYS A 640 -2.37 7.69 6.15
N TYR A 641 -1.88 7.34 7.34
CA TYR A 641 -2.63 7.48 8.57
C TYR A 641 -2.32 8.78 9.28
N GLU A 642 -1.10 9.29 9.11
CA GLU A 642 -0.73 10.58 9.66
C GLU A 642 -1.71 11.66 9.22
N GLN A 643 -2.01 12.60 10.11
CA GLN A 643 -3.06 13.56 9.79
C GLN A 643 -2.54 14.84 9.18
N TYR A 644 -1.26 15.16 9.34
CA TYR A 644 -0.68 16.35 8.72
C TYR A 644 0.52 15.96 7.89
N LEU A 645 0.79 16.76 6.85
CA LEU A 645 1.83 16.44 5.89
C LEU A 645 3.21 16.36 6.52
N ASP A 646 3.50 17.27 7.44
CA ASP A 646 4.81 17.35 8.08
C ASP A 646 4.74 16.65 9.43
N ASN A 647 5.56 15.62 9.60
CA ASN A 647 5.45 14.78 10.77
C ASN A 647 6.76 14.02 10.94
N LEU A 648 6.91 13.37 12.09
CA LEU A 648 8.18 12.78 12.44
C LEU A 648 8.47 11.48 11.70
N LEU A 649 7.45 10.74 11.29
CA LEU A 649 7.70 9.53 10.52
C LEU A 649 8.18 9.85 9.11
N VAL A 650 7.71 10.95 8.52
CA VAL A 650 8.13 11.28 7.17
C VAL A 650 9.54 11.87 7.15
N ARG A 651 9.95 12.57 8.22
CA ARG A 651 11.32 13.05 8.31
C ARG A 651 12.31 11.92 8.57
N PHE A 652 11.89 10.87 9.26
CA PHE A 652 12.75 9.72 9.51
C PHE A 652 12.99 8.90 8.25
N LEU A 653 11.94 8.66 7.46
CA LEU A 653 12.09 7.82 6.28
C LEU A 653 12.83 8.53 5.17
N LEU A 654 12.67 9.85 5.07
CA LEU A 654 13.37 10.61 4.05
C LEU A 654 14.86 10.73 4.38
N LYS A 655 15.19 10.87 5.65
CA LYS A 655 16.60 10.89 6.06
C LYS A 655 17.30 9.59 5.70
N LYS A 656 16.60 8.45 5.83
CA LYS A 656 17.22 7.16 5.57
C LYS A 656 17.42 6.90 4.08
N ALA A 657 16.48 7.34 3.25
CA ALA A 657 16.58 7.06 1.82
C ALA A 657 17.59 7.95 1.11
N LEU A 658 18.00 9.05 1.72
CA LEU A 658 19.01 9.93 1.17
C LEU A 658 20.41 9.60 1.65
N THR A 659 20.56 8.60 2.52
CA THR A 659 21.87 8.14 2.94
C THR A 659 22.14 6.69 2.54
N ASN A 660 21.27 6.09 1.73
CA ASN A 660 21.39 4.68 1.37
C ASN A 660 20.54 4.48 0.12
N GLN A 661 21.18 4.21 -1.04
CA GLN A 661 20.44 4.08 -2.29
C GLN A 661 19.69 2.78 -2.42
N ARG A 662 20.10 1.73 -1.72
CA ARG A 662 19.30 0.51 -1.71
C ARG A 662 17.96 0.78 -1.04
N ILE A 663 17.95 1.61 0.00
CA ILE A 663 16.72 2.04 0.62
C ILE A 663 16.03 3.10 -0.22
N GLY A 664 16.79 4.00 -0.83
CA GLY A 664 16.19 5.01 -1.67
C GLY A 664 15.55 4.47 -2.93
N HIS A 665 16.13 3.41 -3.50
CA HIS A 665 15.55 2.76 -4.68
C HIS A 665 14.14 2.27 -4.43
N PHE A 666 13.92 1.58 -3.31
CA PHE A 666 12.62 0.96 -3.06
C PHE A 666 11.64 1.93 -2.44
N PHE A 667 12.14 2.91 -1.69
CA PHE A 667 11.33 4.04 -1.27
C PHE A 667 10.72 4.76 -2.48
N PHE A 668 11.49 4.91 -3.55
CA PHE A 668 10.97 5.56 -4.76
C PHE A 668 9.82 4.77 -5.36
N TRP A 669 10.02 3.47 -5.59
CA TRP A 669 9.05 2.69 -6.35
C TRP A 669 7.78 2.39 -5.58
N HIS A 670 7.83 2.39 -4.25
CA HIS A 670 6.64 2.16 -3.45
C HIS A 670 5.73 3.37 -3.42
N LEU A 671 6.29 4.59 -3.47
CA LEU A 671 5.46 5.78 -3.58
C LEU A 671 5.00 6.00 -5.01
N LYS A 672 5.82 5.65 -6.00
CA LYS A 672 5.49 5.88 -7.39
C LYS A 672 4.34 5.01 -7.86
N SER A 673 4.26 3.79 -7.35
CA SER A 673 3.23 2.87 -7.78
C SER A 673 1.85 3.24 -7.27
N GLU A 674 1.75 4.18 -6.34
CA GLU A 674 0.48 4.59 -5.77
C GLU A 674 0.12 6.03 -6.10
N MET A 675 0.59 6.53 -7.24
CA MET A 675 0.30 7.89 -7.66
C MET A 675 -1.00 7.99 -8.43
N HIS A 676 -1.55 6.87 -8.90
CA HIS A 676 -2.86 6.84 -9.52
C HIS A 676 -3.99 6.95 -8.50
N ASN A 677 -3.67 6.89 -7.22
CA ASN A 677 -4.65 6.94 -6.15
C ASN A 677 -4.87 8.38 -5.74
N LYS A 678 -6.09 8.89 -5.91
CA LYS A 678 -6.38 10.30 -5.70
C LYS A 678 -6.48 10.68 -4.24
N THR A 679 -6.70 9.72 -3.35
CA THR A 679 -6.68 10.03 -1.93
C THR A 679 -5.29 10.35 -1.41
N VAL A 680 -4.22 9.87 -2.07
CA VAL A 680 -2.87 10.03 -1.55
C VAL A 680 -1.92 10.70 -2.52
N SER A 681 -2.36 11.04 -3.73
CA SER A 681 -1.43 11.45 -4.77
C SER A 681 -0.72 12.77 -4.45
N GLN A 682 -1.41 13.69 -3.78
CA GLN A 682 -0.76 14.96 -3.47
C GLN A 682 0.20 14.85 -2.31
N ARG A 683 -0.14 14.08 -1.29
CA ARG A 683 0.81 13.74 -0.24
C ARG A 683 2.05 13.08 -0.82
N PHE A 684 1.87 11.98 -1.57
CA PHE A 684 3.01 11.24 -2.08
C PHE A 684 3.76 11.99 -3.17
N GLY A 685 3.05 12.81 -3.96
CA GLY A 685 3.71 13.60 -4.98
C GLY A 685 4.65 14.64 -4.40
N LEU A 686 4.25 15.33 -3.32
CA LEU A 686 5.12 16.31 -2.70
C LEU A 686 6.37 15.68 -2.13
N LEU A 687 6.29 14.43 -1.71
CA LEU A 687 7.39 13.71 -1.11
C LEU A 687 8.32 13.13 -2.17
N LEU A 688 7.78 12.66 -3.29
CA LEU A 688 8.61 12.30 -4.42
C LEU A 688 9.37 13.51 -4.95
N GLU A 689 8.70 14.66 -5.05
CA GLU A 689 9.36 15.89 -5.48
C GLU A 689 10.57 16.22 -4.63
N SER A 690 10.50 15.94 -3.33
CA SER A 690 11.57 16.27 -2.41
C SER A 690 12.72 15.25 -2.46
N TYR A 691 12.40 13.96 -2.61
CA TYR A 691 13.46 12.97 -2.79
C TYR A 691 14.19 13.17 -4.11
N CYS A 692 13.44 13.27 -5.22
CA CYS A 692 14.06 13.35 -6.55
C CYS A 692 14.87 14.62 -6.72
N ARG A 693 14.72 15.59 -5.84
CA ARG A 693 15.47 16.82 -5.90
C ARG A 693 16.79 16.75 -5.18
N ALA A 694 16.99 15.75 -4.31
CA ALA A 694 18.22 15.63 -3.54
C ALA A 694 18.90 14.26 -3.66
N CYS A 695 18.41 13.38 -4.51
CA CYS A 695 18.98 12.04 -4.59
C CYS A 695 20.32 11.98 -5.32
N GLY A 696 20.77 13.08 -5.91
CA GLY A 696 22.09 13.12 -6.53
C GLY A 696 22.10 12.74 -7.99
N MET A 697 23.11 11.98 -8.41
CA MET A 697 23.17 11.49 -9.78
C MET A 697 22.31 10.26 -10.00
N TYR A 698 21.57 9.80 -9.00
CA TYR A 698 20.76 8.61 -9.17
C TYR A 698 19.45 8.89 -9.87
N LEU A 699 19.11 10.17 -10.07
CA LEU A 699 17.89 10.50 -10.78
C LEU A 699 17.98 10.19 -12.28
N LYS A 700 19.18 10.08 -12.83
CA LYS A 700 19.31 9.69 -14.23
C LYS A 700 19.09 8.20 -14.43
N HIS A 701 19.54 7.39 -13.48
CA HIS A 701 19.24 5.96 -13.53
C HIS A 701 17.76 5.69 -13.37
N LEU A 702 17.09 6.36 -12.44
CA LEU A 702 15.65 6.20 -12.28
C LEU A 702 14.89 6.64 -13.53
N ASN A 703 15.33 7.74 -14.15
CA ASN A 703 14.69 8.19 -15.38
C ASN A 703 14.78 7.17 -16.50
N ARG A 704 15.86 6.39 -16.55
CA ARG A 704 15.96 5.35 -17.56
C ARG A 704 15.10 4.13 -17.24
N GLN A 705 14.86 3.85 -15.96
CA GLN A 705 13.97 2.76 -15.61
C GLN A 705 12.51 3.13 -15.84
N VAL A 706 12.17 4.41 -15.74
CA VAL A 706 10.79 4.85 -16.02
C VAL A 706 10.52 4.86 -17.52
N GLU A 707 11.52 5.17 -18.33
CA GLU A 707 11.36 5.13 -19.78
C GLU A 707 11.21 3.70 -20.29
N ALA A 708 11.98 2.77 -19.73
CA ALA A 708 11.88 1.38 -20.15
C ALA A 708 10.56 0.76 -19.72
N MET A 709 10.04 1.15 -18.56
CA MET A 709 8.77 0.58 -18.10
C MET A 709 7.59 1.14 -18.87
N GLU A 710 7.66 2.41 -19.29
CA GLU A 710 6.59 3.01 -20.06
C GLU A 710 6.58 2.52 -21.49
N LYS A 711 7.72 2.07 -22.03
CA LYS A 711 7.73 1.43 -23.34
C LYS A 711 6.99 0.10 -23.29
N LEU A 712 7.17 -0.68 -22.22
CA LEU A 712 6.55 -1.98 -22.11
C LEU A 712 5.07 -1.89 -21.79
N ILE A 713 4.64 -0.84 -21.08
CA ILE A 713 3.22 -0.68 -20.84
C ILE A 713 2.49 -0.28 -22.12
N ASN A 714 3.10 0.60 -22.92
CA ASN A 714 2.49 0.96 -24.19
C ASN A 714 2.43 -0.23 -25.13
N LEU A 715 3.47 -1.07 -25.11
CA LEU A 715 3.53 -2.20 -26.02
C LEU A 715 2.47 -3.23 -25.69
N THR A 716 2.36 -3.62 -24.42
CA THR A 716 1.40 -4.64 -24.03
C THR A 716 -0.05 -4.17 -24.07
N ASP A 717 -0.28 -2.85 -24.10
CA ASP A 717 -1.64 -2.35 -24.28
C ASP A 717 -2.13 -2.62 -25.69
N ILE A 718 -1.23 -2.51 -26.68
CA ILE A 718 -1.59 -2.86 -28.05
C ILE A 718 -2.01 -4.32 -28.13
N LEU A 719 -1.28 -5.21 -27.48
CA LEU A 719 -1.59 -6.63 -27.55
C LEU A 719 -2.86 -7.00 -26.80
N LYS A 720 -3.42 -6.08 -26.03
CA LYS A 720 -4.59 -6.42 -25.22
C LYS A 720 -5.91 -5.95 -25.83
N GLN A 721 -5.90 -4.87 -26.62
CA GLN A 721 -7.14 -4.35 -27.19
C GLN A 721 -7.07 -4.10 -28.69
N GLU A 722 -5.97 -4.45 -29.34
CA GLU A 722 -5.93 -4.47 -30.80
C GLU A 722 -5.66 -5.85 -31.38
N LYS A 723 -4.93 -6.70 -30.68
CA LYS A 723 -4.66 -8.05 -31.15
C LYS A 723 -5.35 -9.07 -30.25
N LYS A 724 -6.46 -8.66 -29.63
CA LYS A 724 -7.10 -9.46 -28.59
C LYS A 724 -7.61 -10.80 -29.10
N ASP A 725 -7.85 -10.93 -30.41
CA ASP A 725 -8.48 -12.11 -30.97
C ASP A 725 -7.55 -12.94 -31.84
N GLU A 726 -6.37 -12.43 -32.16
CA GLU A 726 -5.48 -13.06 -33.13
C GLU A 726 -4.79 -14.29 -32.52
N THR A 727 -3.84 -14.84 -33.26
CA THR A 727 -3.17 -16.07 -32.90
C THR A 727 -1.72 -15.81 -32.50
N GLN A 728 -1.10 -16.82 -31.86
CA GLN A 728 0.28 -16.70 -31.40
C GLN A 728 1.27 -16.52 -32.53
N LYS A 729 0.86 -16.67 -33.79
CA LYS A 729 1.78 -16.47 -34.89
C LYS A 729 1.77 -15.02 -35.36
N VAL A 730 0.58 -14.43 -35.50
CA VAL A 730 0.49 -13.05 -35.96
C VAL A 730 0.84 -12.08 -34.86
N GLN A 731 0.60 -12.46 -33.59
CA GLN A 731 0.99 -11.62 -32.47
C GLN A 731 2.49 -11.70 -32.23
N MET A 732 3.06 -12.91 -32.25
CA MET A 732 4.47 -13.07 -31.99
C MET A 732 5.35 -12.43 -33.06
N LYS A 733 4.78 -12.12 -34.23
CA LYS A 733 5.51 -11.42 -35.27
C LYS A 733 5.37 -9.91 -35.16
N PHE A 734 4.21 -9.43 -34.69
CA PHE A 734 4.07 -8.03 -34.34
C PHE A 734 5.05 -7.64 -33.23
N LEU A 735 5.27 -8.52 -32.27
CA LEU A 735 6.18 -8.22 -31.16
C LEU A 735 7.61 -8.06 -31.64
N VAL A 736 8.06 -8.95 -32.54
CA VAL A 736 9.42 -8.86 -33.04
C VAL A 736 9.58 -7.68 -33.99
N GLU A 737 8.50 -7.26 -34.65
CA GLU A 737 8.51 -5.99 -35.36
C GLU A 737 8.75 -4.84 -34.40
N GLN A 738 7.88 -4.72 -33.38
CA GLN A 738 7.91 -3.57 -32.48
C GLN A 738 9.22 -3.49 -31.72
N MET A 739 9.77 -4.62 -31.31
CA MET A 739 11.01 -4.58 -30.52
C MET A 739 12.25 -4.40 -31.37
N ARG A 740 12.14 -4.56 -32.69
CA ARG A 740 13.28 -4.38 -33.57
C ARG A 740 13.55 -2.92 -33.89
N ARG A 741 12.57 -2.04 -33.69
CA ARG A 741 12.72 -0.63 -33.97
C ARG A 741 13.86 -0.03 -33.15
N PRO A 742 14.67 0.85 -33.72
CA PRO A 742 15.88 1.32 -33.02
C PRO A 742 15.60 2.24 -31.85
N ASP A 743 14.38 2.74 -31.66
CA ASP A 743 14.13 3.53 -30.46
C ASP A 743 13.66 2.65 -29.30
N PHE A 744 12.83 1.64 -29.59
CA PHE A 744 12.53 0.62 -28.60
C PHE A 744 13.80 -0.07 -28.12
N MET A 745 14.78 -0.21 -28.99
CA MET A 745 15.98 -0.95 -28.67
C MET A 745 16.95 -0.16 -27.82
N ASP A 746 16.77 1.15 -27.69
CA ASP A 746 17.63 1.95 -26.82
C ASP A 746 17.02 2.17 -25.45
N ALA A 747 15.69 2.22 -25.37
CA ALA A 747 15.04 2.34 -24.09
C ALA A 747 15.20 1.07 -23.27
N LEU A 748 15.13 -0.09 -23.92
CA LEU A 748 15.05 -1.39 -23.28
C LEU A 748 16.39 -2.10 -23.22
N GLN A 749 17.47 -1.38 -23.00
CA GLN A 749 18.79 -2.00 -23.10
C GLN A 749 19.80 -1.08 -22.44
N GLY A 750 20.54 -1.61 -21.47
CA GLY A 750 21.54 -0.84 -20.74
C GLY A 750 21.02 -0.06 -19.55
N PHE A 751 20.18 -0.66 -18.72
CA PHE A 751 19.66 0.02 -17.54
C PHE A 751 19.67 -0.95 -16.36
N LEU A 752 19.53 -0.39 -15.16
CA LEU A 752 19.54 -1.19 -13.94
C LEU A 752 18.20 -1.86 -13.71
N SER A 753 18.24 -3.03 -13.13
CA SER A 753 17.01 -3.79 -12.89
C SER A 753 16.26 -3.20 -11.69
N PRO A 754 14.96 -2.94 -11.81
CA PRO A 754 14.19 -2.50 -10.64
C PRO A 754 14.01 -3.56 -9.58
N LEU A 755 14.06 -4.85 -9.93
CA LEU A 755 13.94 -5.91 -8.94
C LEU A 755 15.17 -6.04 -8.06
N ASN A 756 16.34 -5.72 -8.60
CA ASN A 756 17.57 -5.72 -7.80
C ASN A 756 18.54 -4.74 -8.45
N PRO A 757 18.64 -3.52 -7.92
CA PRO A 757 19.49 -2.49 -8.55
C PRO A 757 20.98 -2.81 -8.57
N ALA A 758 21.41 -3.97 -8.06
CA ALA A 758 22.76 -4.46 -8.29
C ALA A 758 22.88 -5.26 -9.58
N HIS A 759 21.78 -5.70 -10.17
CA HIS A 759 21.81 -6.44 -11.43
C HIS A 759 21.62 -5.49 -12.58
N GLN A 760 22.68 -5.19 -13.31
CA GLN A 760 22.62 -4.26 -14.42
C GLN A 760 22.29 -5.00 -15.71
N LEU A 761 21.18 -4.63 -16.34
CA LEU A 761 20.74 -5.30 -17.54
C LEU A 761 21.57 -4.82 -18.73
N GLY A 762 21.75 -5.70 -19.71
CA GLY A 762 22.59 -5.41 -20.84
C GLY A 762 21.88 -5.53 -22.17
N ASN A 763 22.51 -6.18 -23.13
CA ASN A 763 21.94 -6.30 -24.46
C ASN A 763 20.81 -7.32 -24.45
N LEU A 764 19.66 -6.92 -24.95
CA LEU A 764 18.50 -7.79 -25.00
C LEU A 764 18.78 -8.96 -25.95
N ARG A 765 18.12 -10.08 -25.71
CA ARG A 765 18.29 -11.30 -26.52
C ARG A 765 16.95 -11.59 -27.18
N LEU A 766 16.74 -11.02 -28.36
CA LEU A 766 15.40 -10.97 -28.94
C LEU A 766 14.91 -12.34 -29.37
N GLU A 767 15.80 -13.27 -29.67
CA GLU A 767 15.37 -14.59 -30.13
C GLU A 767 14.65 -15.35 -29.03
N GLU A 768 14.95 -15.06 -27.77
CA GLU A 768 14.41 -15.78 -26.64
C GLU A 768 13.20 -15.11 -26.01
N CYS A 769 13.00 -13.82 -26.24
CA CYS A 769 11.84 -13.12 -25.71
C CYS A 769 10.57 -13.67 -26.34
N ARG A 770 9.52 -13.83 -25.54
CA ARG A 770 8.32 -14.47 -26.04
C ARG A 770 7.08 -14.01 -25.29
N ILE A 771 5.92 -14.29 -25.88
CA ILE A 771 4.63 -14.02 -25.27
C ILE A 771 4.16 -15.31 -24.61
N MET A 772 3.94 -15.25 -23.31
CA MET A 772 3.56 -16.44 -22.57
C MET A 772 2.08 -16.77 -22.81
N SER A 773 1.69 -17.97 -22.41
CA SER A 773 0.33 -18.45 -22.57
C SER A 773 -0.43 -18.45 -21.25
N SER A 774 0.02 -17.64 -20.30
CA SER A 774 -0.60 -17.55 -18.99
C SER A 774 -1.86 -16.69 -19.10
N ALA A 775 -2.39 -16.27 -17.95
CA ALA A 775 -3.72 -15.67 -17.91
C ALA A 775 -3.78 -14.35 -18.67
N LYS A 776 -2.93 -13.39 -18.29
CA LYS A 776 -2.96 -12.05 -18.86
C LYS A 776 -1.95 -11.86 -19.99
N ARG A 777 -1.30 -12.93 -20.44
CA ARG A 777 -0.30 -12.89 -21.50
C ARG A 777 0.86 -11.97 -21.16
N PRO A 778 1.68 -12.33 -20.19
CA PRO A 778 2.84 -11.50 -19.83
C PRO A 778 3.99 -11.69 -20.82
N LEU A 779 5.07 -10.98 -20.56
CA LEU A 779 6.26 -10.98 -21.40
C LEU A 779 7.41 -11.68 -20.72
N TRP A 780 7.95 -12.69 -21.40
CA TRP A 780 9.23 -13.28 -21.03
C TRP A 780 10.32 -12.47 -21.71
N LEU A 781 11.25 -11.92 -20.94
CA LEU A 781 12.30 -11.08 -21.50
C LEU A 781 13.65 -11.53 -20.97
N ASN A 782 14.70 -11.22 -21.71
CA ASN A 782 16.00 -11.84 -21.46
C ASN A 782 17.10 -10.86 -21.81
N TRP A 783 18.03 -10.66 -20.89
CA TRP A 783 19.13 -9.73 -21.05
C TRP A 783 20.43 -10.45 -20.78
N GLU A 784 21.51 -9.92 -21.35
CA GLU A 784 22.83 -10.37 -21.00
C GLU A 784 23.31 -9.68 -19.73
N ASN A 785 24.10 -10.40 -18.95
CA ASN A 785 24.80 -9.81 -17.83
C ASN A 785 26.11 -9.23 -18.36
N PRO A 786 26.24 -7.91 -18.47
CA PRO A 786 27.43 -7.34 -19.11
C PRO A 786 28.68 -7.36 -18.25
N ASP A 787 28.69 -8.05 -17.11
CA ASP A 787 29.88 -8.04 -16.28
C ASP A 787 30.99 -8.85 -16.93
N ILE A 788 32.23 -8.47 -16.62
CA ILE A 788 33.38 -9.13 -17.24
C ILE A 788 33.64 -10.51 -16.66
N MET A 789 33.09 -10.80 -15.48
CA MET A 789 33.16 -12.14 -14.92
C MET A 789 31.76 -12.69 -14.70
N SER A 790 30.91 -12.45 -15.68
CA SER A 790 29.53 -12.92 -15.63
C SER A 790 29.43 -14.43 -15.57
N GLU A 791 30.41 -15.15 -16.12
CA GLU A 791 30.32 -16.60 -16.21
C GLU A 791 30.28 -17.29 -14.86
N LEU A 792 30.79 -16.66 -13.81
CA LEU A 792 30.75 -17.29 -12.50
C LEU A 792 29.35 -17.23 -11.90
N LEU A 793 28.74 -16.05 -11.93
CA LEU A 793 27.36 -15.88 -11.55
C LEU A 793 26.49 -16.30 -12.73
N PHE A 794 25.21 -15.97 -12.73
CA PHE A 794 24.38 -16.22 -13.90
C PHE A 794 24.88 -15.41 -15.10
N GLN A 795 24.32 -15.72 -16.26
CA GLN A 795 24.62 -15.00 -17.48
C GLN A 795 23.39 -14.45 -18.19
N ASN A 796 22.19 -14.73 -17.71
CA ASN A 796 20.98 -14.19 -18.29
C ASN A 796 20.05 -13.74 -17.17
N ASN A 797 19.58 -12.50 -17.26
CA ASN A 797 18.52 -12.00 -16.40
C ASN A 797 17.20 -12.17 -17.13
N GLU A 798 16.35 -13.05 -16.61
CA GLU A 798 15.08 -13.38 -17.22
C GLU A 798 13.98 -12.84 -16.30
N ILE A 799 13.09 -12.02 -16.85
CA ILE A 799 12.11 -11.29 -16.05
C ILE A 799 10.76 -11.38 -16.73
N ILE A 800 9.71 -11.56 -15.95
CA ILE A 800 8.35 -11.51 -16.47
C ILE A 800 7.80 -10.11 -16.26
N PHE A 801 7.23 -9.54 -17.32
CA PHE A 801 6.49 -8.30 -17.25
C PHE A 801 5.02 -8.66 -17.37
N LYS A 802 4.22 -8.24 -16.40
CA LYS A 802 2.81 -8.58 -16.38
C LYS A 802 1.99 -7.32 -16.25
N ASN A 803 0.91 -7.24 -17.01
CA ASN A 803 0.10 -6.03 -17.11
C ASN A 803 -1.37 -6.44 -17.06
N GLY A 804 -1.96 -6.35 -15.89
CA GLY A 804 -3.37 -6.67 -15.74
C GLY A 804 -3.70 -7.35 -14.42
N ASP A 805 -2.68 -7.77 -13.68
CA ASP A 805 -2.83 -8.41 -12.39
C ASP A 805 -2.31 -7.51 -11.28
N ASP A 806 -3.02 -7.52 -10.16
CA ASP A 806 -2.57 -6.83 -8.96
C ASP A 806 -1.52 -7.69 -8.26
N LEU A 807 -0.34 -7.12 -8.06
CA LEU A 807 0.79 -7.85 -7.49
C LEU A 807 1.10 -7.40 -6.07
N ARG A 808 0.12 -6.88 -5.36
CA ARG A 808 0.35 -6.45 -3.99
C ARG A 808 0.06 -7.55 -2.98
N GLN A 809 -0.80 -8.51 -3.31
CA GLN A 809 -0.98 -9.66 -2.45
C GLN A 809 0.21 -10.60 -2.53
N ASP A 810 0.92 -10.59 -3.67
CA ASP A 810 2.09 -11.45 -3.83
C ASP A 810 3.32 -10.87 -3.16
N MET A 811 3.46 -9.55 -3.18
CA MET A 811 4.56 -8.92 -2.46
C MET A 811 4.44 -9.19 -0.97
N LEU A 812 3.23 -9.18 -0.44
CA LEU A 812 3.02 -9.39 0.99
C LEU A 812 3.19 -10.86 1.36
N THR A 813 2.72 -11.76 0.49
CA THR A 813 2.92 -13.18 0.72
C THR A 813 4.40 -13.53 0.68
N LEU A 814 5.11 -13.02 -0.33
CA LEU A 814 6.53 -13.31 -0.44
C LEU A 814 7.36 -12.64 0.63
N GLN A 815 6.85 -11.60 1.26
CA GLN A 815 7.54 -10.99 2.39
C GLN A 815 7.33 -11.77 3.68
N ILE A 816 6.14 -12.34 3.86
CA ILE A 816 5.88 -13.14 5.06
C ILE A 816 6.73 -14.39 5.07
N ILE A 817 6.82 -15.06 3.92
CA ILE A 817 7.57 -16.32 3.83
C ILE A 817 9.04 -16.09 4.13
N ARG A 818 9.59 -14.96 3.74
CA ARG A 818 10.98 -14.67 4.06
C ARG A 818 11.18 -14.37 5.55
N ILE A 819 10.13 -13.99 6.26
CA ILE A 819 10.21 -13.82 7.71
C ILE A 819 10.04 -15.17 8.42
N MET A 820 9.14 -16.02 7.92
CA MET A 820 8.97 -17.35 8.50
C MET A 820 10.27 -18.14 8.45
N GLU A 821 10.94 -18.14 7.30
CA GLU A 821 12.17 -18.89 7.12
C GLU A 821 13.24 -18.45 8.09
N ASN A 822 13.27 -17.16 8.42
CA ASN A 822 14.29 -16.64 9.32
C ASN A 822 14.02 -17.06 10.76
N ILE A 823 12.75 -17.27 11.11
CA ILE A 823 12.42 -17.79 12.43
C ILE A 823 12.83 -19.24 12.53
N TRP A 824 12.61 -20.02 11.47
CA TRP A 824 12.96 -21.43 11.47
C TRP A 824 14.48 -21.64 11.45
N GLN A 825 15.21 -20.81 10.70
CA GLN A 825 16.66 -20.94 10.65
C GLN A 825 17.28 -20.68 12.02
N ASN A 826 16.74 -19.72 12.76
CA ASN A 826 17.27 -19.38 14.08
C ASN A 826 16.79 -20.30 15.18
N GLN A 827 15.91 -21.26 14.88
CA GLN A 827 15.49 -22.23 15.89
C GLN A 827 16.40 -23.45 15.89
N GLY A 828 16.83 -23.91 14.73
CA GLY A 828 17.58 -25.14 14.62
C GLY A 828 17.00 -26.05 13.56
N LEU A 829 16.07 -25.51 12.80
CA LEU A 829 15.47 -26.19 11.67
C LEU A 829 16.09 -25.66 10.39
N ASP A 830 16.07 -26.49 9.35
CA ASP A 830 16.51 -26.06 8.02
C ASP A 830 15.43 -26.44 7.02
N LEU A 831 14.44 -25.57 6.87
CA LEU A 831 13.41 -25.71 5.87
C LEU A 831 13.64 -24.59 4.86
N ARG A 832 14.02 -24.95 3.65
CA ARG A 832 14.49 -23.97 2.69
C ARG A 832 13.34 -23.49 1.80
N MET A 833 13.05 -22.20 1.91
CA MET A 833 12.03 -21.50 1.14
C MET A 833 12.68 -20.86 -0.08
N LEU A 834 11.85 -20.39 -1.00
CA LEU A 834 12.33 -19.69 -2.18
C LEU A 834 11.47 -18.46 -2.40
N PRO A 835 11.74 -17.38 -1.67
CA PRO A 835 11.03 -16.12 -1.88
C PRO A 835 11.60 -15.28 -3.02
N TYR A 836 11.17 -15.52 -4.25
CA TYR A 836 11.71 -14.83 -5.39
C TYR A 836 11.30 -13.35 -5.39
N GLY A 837 11.83 -12.62 -6.37
CA GLY A 837 11.61 -11.19 -6.45
C GLY A 837 10.27 -10.86 -7.08
N CYS A 838 9.64 -9.81 -6.57
CA CYS A 838 8.38 -9.33 -7.11
C CYS A 838 8.22 -7.87 -6.75
N LEU A 839 7.85 -7.05 -7.72
CA LEU A 839 7.73 -5.61 -7.52
C LEU A 839 6.51 -5.08 -8.25
N SER A 840 5.81 -4.17 -7.61
CA SER A 840 4.65 -3.49 -8.18
C SER A 840 5.08 -2.10 -8.62
N ILE A 841 4.90 -1.78 -9.89
CA ILE A 841 5.39 -0.52 -10.44
C ILE A 841 4.27 0.48 -10.71
N GLY A 842 3.03 0.03 -10.85
CA GLY A 842 1.92 0.92 -11.07
C GLY A 842 0.61 0.25 -10.78
N ASP A 843 -0.45 0.77 -11.38
CA ASP A 843 -1.81 0.27 -11.21
C ASP A 843 -1.96 -1.05 -11.96
N CYS A 844 -1.81 -2.16 -11.24
CA CYS A 844 -1.95 -3.49 -11.83
C CYS A 844 -0.89 -3.75 -12.90
N VAL A 845 0.34 -3.36 -12.62
CA VAL A 845 1.48 -3.67 -13.48
C VAL A 845 2.67 -3.98 -12.60
N GLY A 846 3.45 -5.00 -12.98
CA GLY A 846 4.56 -5.38 -12.14
C GLY A 846 5.54 -6.31 -12.81
N LEU A 847 6.58 -6.67 -12.06
CA LEU A 847 7.72 -7.45 -12.51
C LEU A 847 7.94 -8.65 -11.60
N ILE A 848 8.29 -9.79 -12.19
CA ILE A 848 8.46 -11.05 -11.47
C ILE A 848 9.80 -11.66 -11.81
N GLU A 849 10.56 -12.04 -10.80
CA GLU A 849 11.81 -12.75 -11.00
C GLU A 849 11.56 -14.18 -11.45
N VAL A 850 12.33 -14.63 -12.44
CA VAL A 850 12.25 -16.00 -12.96
C VAL A 850 13.37 -16.83 -12.34
N VAL A 851 13.06 -18.07 -12.01
CA VAL A 851 14.00 -18.99 -11.39
C VAL A 851 14.53 -19.95 -12.47
N ARG A 852 15.85 -20.11 -12.54
CA ARG A 852 16.44 -20.98 -13.53
C ARG A 852 16.44 -22.43 -13.09
N ASN A 853 16.27 -23.32 -14.07
CA ASN A 853 16.37 -24.76 -13.88
C ASN A 853 15.20 -25.32 -13.09
N SER A 854 13.99 -24.83 -13.40
CA SER A 854 12.81 -25.22 -12.65
C SER A 854 11.67 -25.53 -13.59
N HIS A 855 10.82 -26.45 -13.16
CA HIS A 855 9.71 -26.95 -13.96
C HIS A 855 8.48 -27.01 -13.07
N THR A 856 7.32 -26.74 -13.64
CA THR A 856 6.10 -27.05 -12.92
C THR A 856 5.97 -28.55 -12.74
N ILE A 857 5.11 -28.95 -11.79
CA ILE A 857 4.82 -30.36 -11.64
C ILE A 857 4.10 -30.87 -12.88
N MET A 858 3.36 -30.00 -13.56
CA MET A 858 2.57 -30.43 -14.71
C MET A 858 3.43 -30.69 -15.93
N GLN A 859 4.51 -29.93 -16.12
CA GLN A 859 5.43 -30.25 -17.20
C GLN A 859 6.07 -31.60 -16.97
N ILE A 860 6.53 -31.86 -15.75
CA ILE A 860 7.21 -33.13 -15.45
C ILE A 860 6.27 -34.31 -15.63
N GLN A 861 4.98 -34.13 -15.39
CA GLN A 861 4.06 -35.24 -15.55
C GLN A 861 3.73 -35.53 -17.01
N CYS A 862 3.66 -34.50 -17.84
CA CYS A 862 3.40 -34.72 -19.27
C CYS A 862 4.65 -35.19 -19.99
N LYS A 863 5.79 -34.54 -19.76
CA LYS A 863 7.04 -34.97 -20.38
C LYS A 863 7.40 -36.40 -20.00
N GLY A 864 7.02 -36.83 -18.80
CA GLY A 864 7.41 -38.13 -18.31
C GLY A 864 6.41 -39.24 -18.57
N GLY A 865 5.27 -38.94 -19.16
CA GLY A 865 4.29 -39.96 -19.50
C GLY A 865 4.51 -40.55 -20.87
N ASN A 873 -0.01 -41.03 -14.34
CA ASN A 873 0.61 -41.94 -13.40
C ASN A 873 1.04 -41.19 -12.15
N SER A 874 1.21 -41.92 -11.04
CA SER A 874 1.51 -41.32 -9.75
C SER A 874 2.99 -41.38 -9.39
N HIS A 875 3.76 -42.25 -10.03
CA HIS A 875 5.18 -42.40 -9.75
C HIS A 875 6.04 -41.57 -10.68
N THR A 876 5.44 -40.71 -11.50
CA THR A 876 6.20 -39.96 -12.49
C THR A 876 7.23 -39.04 -11.84
N LEU A 877 6.84 -38.33 -10.78
CA LEU A 877 7.72 -37.35 -10.18
C LEU A 877 8.93 -37.98 -9.51
N HIS A 878 8.74 -39.14 -8.89
CA HIS A 878 9.86 -39.76 -8.20
C HIS A 878 10.86 -40.35 -9.18
N GLN A 879 10.38 -40.92 -10.30
CA GLN A 879 11.30 -41.43 -11.31
C GLN A 879 12.07 -40.31 -11.99
N TRP A 880 11.41 -39.18 -12.26
CA TRP A 880 12.09 -38.00 -12.77
C TRP A 880 13.23 -37.58 -11.87
N LEU A 881 13.02 -37.65 -10.56
CA LEU A 881 13.96 -37.08 -9.63
C LEU A 881 15.15 -37.99 -9.37
N LYS A 882 15.00 -39.29 -9.64
CA LYS A 882 16.16 -40.18 -9.58
C LYS A 882 16.96 -40.13 -10.88
N ASP A 883 16.25 -40.04 -12.02
CA ASP A 883 16.89 -39.90 -13.32
C ASP A 883 17.89 -38.75 -13.36
N LYS A 884 17.65 -37.68 -12.59
CA LYS A 884 18.50 -36.50 -12.67
C LYS A 884 19.75 -36.61 -11.81
N ASN A 885 19.71 -37.38 -10.73
CA ASN A 885 20.89 -37.52 -9.89
C ASN A 885 20.95 -38.93 -9.33
N LYS A 886 22.10 -39.58 -9.53
CA LYS A 886 22.27 -41.01 -9.36
C LYS A 886 23.29 -41.31 -8.29
N GLY A 887 23.00 -42.31 -7.46
CA GLY A 887 23.99 -42.82 -6.54
C GLY A 887 24.17 -42.03 -5.27
N GLU A 888 25.37 -41.49 -5.05
CA GLU A 888 25.69 -40.84 -3.79
C GLU A 888 24.85 -39.60 -3.54
N ILE A 889 24.29 -38.99 -4.58
CA ILE A 889 23.54 -37.74 -4.44
C ILE A 889 22.04 -37.97 -4.65
N TYR A 890 21.58 -39.21 -4.62
CA TYR A 890 20.15 -39.45 -4.56
C TYR A 890 19.58 -39.21 -3.18
N ASP A 891 20.40 -39.32 -2.14
CA ASP A 891 19.90 -39.11 -0.79
C ASP A 891 19.78 -37.64 -0.42
N ALA A 892 20.66 -36.79 -0.95
CA ALA A 892 20.54 -35.37 -0.71
C ALA A 892 19.40 -34.74 -1.50
N ALA A 893 19.02 -35.33 -2.63
CA ALA A 893 17.86 -34.86 -3.37
C ALA A 893 16.55 -35.24 -2.72
N ILE A 894 16.57 -36.24 -1.84
CA ILE A 894 15.35 -36.66 -1.17
C ILE A 894 15.14 -35.92 0.14
N ASP A 895 16.22 -35.53 0.80
CA ASP A 895 16.11 -34.78 2.04
C ASP A 895 15.90 -33.30 1.81
N LEU A 896 16.11 -32.82 0.59
CA LEU A 896 15.83 -31.43 0.26
C LEU A 896 14.43 -31.24 -0.30
N PHE A 897 13.88 -32.25 -0.97
CA PHE A 897 12.47 -32.22 -1.31
C PHE A 897 11.60 -32.28 -0.06
N THR A 898 12.09 -32.97 0.97
CA THR A 898 11.30 -33.18 2.18
C THR A 898 11.36 -31.98 3.11
N ARG A 899 12.52 -31.36 3.25
CA ARG A 899 12.63 -30.19 4.09
C ARG A 899 12.06 -28.95 3.44
N SER A 900 11.75 -29.01 2.14
CA SER A 900 11.10 -27.91 1.42
C SER A 900 9.59 -28.05 1.44
N CYS A 901 9.09 -29.27 1.34
CA CYS A 901 7.65 -29.51 1.33
C CYS A 901 7.04 -29.30 2.70
N ALA A 902 7.83 -29.37 3.76
CA ALA A 902 7.32 -29.11 5.10
C ALA A 902 7.20 -27.63 5.40
N GLY A 903 7.96 -26.78 4.73
CA GLY A 903 7.80 -25.35 4.88
C GLY A 903 6.58 -24.82 4.16
N TYR A 904 6.41 -25.17 2.89
CA TYR A 904 5.25 -24.69 2.15
C TYR A 904 3.97 -25.37 2.59
N CYS A 905 4.04 -26.41 3.41
CA CYS A 905 2.85 -27.02 3.96
C CYS A 905 2.34 -26.24 5.16
N VAL A 906 3.25 -25.78 6.01
CA VAL A 906 2.88 -24.97 7.16
C VAL A 906 2.53 -23.55 6.73
N ALA A 907 3.35 -22.96 5.87
CA ALA A 907 3.13 -21.57 5.46
C ALA A 907 1.80 -21.38 4.73
N THR A 908 1.41 -22.30 3.86
CA THR A 908 0.17 -22.09 3.14
C THR A 908 -1.06 -22.36 3.99
N PHE A 909 -0.93 -23.10 5.09
CA PHE A 909 -2.05 -23.28 6.00
C PHE A 909 -2.28 -22.04 6.88
N ILE A 910 -1.21 -21.46 7.40
CA ILE A 910 -1.38 -20.31 8.27
C ILE A 910 -1.93 -19.11 7.54
N LEU A 911 -1.61 -18.95 6.26
CA LEU A 911 -2.02 -17.78 5.51
C LEU A 911 -3.33 -17.97 4.79
N GLY A 912 -3.89 -19.17 4.80
CA GLY A 912 -5.15 -19.42 4.14
C GLY A 912 -5.06 -19.54 2.64
N ILE A 913 -3.94 -20.02 2.11
CA ILE A 913 -3.69 -20.06 0.68
C ILE A 913 -4.15 -21.40 0.15
N GLY A 914 -5.06 -21.39 -0.83
CA GLY A 914 -5.67 -22.60 -1.33
C GLY A 914 -5.55 -22.72 -2.84
N ASP A 915 -6.12 -23.82 -3.35
CA ASP A 915 -6.09 -24.16 -4.77
C ASP A 915 -4.66 -24.41 -5.24
N ARG A 916 -3.93 -25.22 -4.48
CA ARG A 916 -2.62 -25.68 -4.88
C ARG A 916 -2.77 -26.84 -5.85
N HIS A 917 -2.15 -26.74 -7.02
CA HIS A 917 -2.17 -27.81 -7.99
C HIS A 917 -0.80 -27.85 -8.69
N ASN A 918 -0.71 -28.66 -9.74
CA ASN A 918 0.56 -28.91 -10.39
C ASN A 918 0.89 -27.88 -11.47
N SER A 919 0.08 -26.84 -11.62
CA SER A 919 0.46 -25.69 -12.43
C SER A 919 1.10 -24.58 -11.61
N ASN A 920 0.89 -24.56 -10.30
CA ASN A 920 1.44 -23.50 -9.47
C ASN A 920 2.38 -24.03 -8.39
N ILE A 921 2.88 -25.25 -8.55
CA ILE A 921 3.99 -25.77 -7.76
C ILE A 921 5.11 -26.11 -8.73
N MET A 922 6.32 -25.72 -8.37
CA MET A 922 7.49 -25.93 -9.20
C MET A 922 8.54 -26.67 -8.42
N VAL A 923 9.42 -27.36 -9.13
CA VAL A 923 10.48 -28.15 -8.51
C VAL A 923 11.74 -28.01 -9.34
N LYS A 924 12.86 -27.84 -8.66
CA LYS A 924 14.16 -27.69 -9.32
C LYS A 924 14.72 -29.04 -9.72
N ASP A 925 15.96 -29.04 -10.20
CA ASP A 925 16.66 -30.28 -10.54
C ASP A 925 17.22 -30.96 -9.30
N ASP A 926 17.73 -30.18 -8.35
CA ASP A 926 18.35 -30.74 -7.16
C ASP A 926 17.35 -31.21 -6.12
N GLY A 927 16.04 -31.12 -6.39
CA GLY A 927 15.02 -31.58 -5.48
C GLY A 927 14.20 -30.48 -4.83
N GLN A 928 14.70 -29.26 -4.77
CA GLN A 928 14.03 -28.20 -4.06
C GLN A 928 12.68 -27.85 -4.70
N LEU A 929 11.76 -27.38 -3.87
CA LEU A 929 10.37 -27.15 -4.21
C LEU A 929 9.95 -25.76 -3.78
N PHE A 930 9.02 -25.16 -4.52
CA PHE A 930 8.51 -23.84 -4.17
C PHE A 930 7.17 -23.60 -4.83
N HIS A 931 6.41 -22.66 -4.28
CA HIS A 931 5.10 -22.29 -4.78
C HIS A 931 5.14 -20.91 -5.41
N ILE A 932 4.26 -20.69 -6.39
CA ILE A 932 4.24 -19.46 -7.18
C ILE A 932 2.80 -19.01 -7.36
N ASP A 933 2.64 -17.73 -7.72
CA ASP A 933 1.38 -17.17 -8.23
C ASP A 933 0.24 -17.38 -7.24
N PHE A 934 0.34 -16.66 -6.13
CA PHE A 934 -0.52 -16.91 -4.98
C PHE A 934 -1.91 -16.33 -5.19
N GLY A 935 -2.01 -15.05 -5.53
CA GLY A 935 -3.30 -14.43 -5.76
C GLY A 935 -4.00 -13.99 -4.50
N HIS A 936 -5.02 -14.72 -4.09
CA HIS A 936 -5.79 -14.40 -2.89
C HIS A 936 -5.25 -15.20 -1.71
N PHE A 937 -4.93 -14.51 -0.62
CA PHE A 937 -4.24 -15.17 0.48
C PHE A 937 -5.16 -15.56 1.63
N LEU A 938 -5.87 -14.63 2.24
CA LEU A 938 -6.82 -15.10 3.24
C LEU A 938 -8.05 -15.64 2.53
N ASP A 939 -8.96 -16.26 3.27
CA ASP A 939 -10.14 -16.82 2.61
C ASP A 939 -11.05 -15.66 2.17
N HIS A 940 -10.70 -15.09 1.03
CA HIS A 940 -11.43 -13.99 0.45
C HIS A 940 -12.56 -14.45 -0.45
N LYS A 941 -12.57 -15.73 -0.82
CA LYS A 941 -13.61 -16.24 -1.71
C LYS A 941 -14.88 -16.53 -0.91
N LYS A 942 -14.75 -17.26 0.19
CA LYS A 942 -15.88 -17.62 1.04
C LYS A 942 -16.37 -16.46 1.91
N LYS A 943 -15.90 -15.25 1.65
CA LYS A 943 -16.33 -14.07 2.38
C LYS A 943 -17.01 -13.08 1.45
N ARG A 951 -13.42 -27.53 0.75
CA ARG A 951 -12.22 -28.10 1.33
C ARG A 951 -11.20 -28.50 0.28
N VAL A 952 -11.67 -29.21 -0.74
CA VAL A 952 -10.89 -29.66 -1.90
C VAL A 952 -9.56 -30.28 -1.45
N PRO A 953 -9.58 -31.52 -0.96
CA PRO A 953 -8.36 -32.14 -0.44
C PRO A 953 -7.21 -32.10 -1.44
N PHE A 954 -6.00 -31.99 -0.91
CA PHE A 954 -4.81 -31.76 -1.71
C PHE A 954 -4.57 -32.91 -2.67
N VAL A 955 -4.55 -32.62 -3.97
CA VAL A 955 -4.55 -33.66 -5.00
C VAL A 955 -3.19 -34.26 -5.26
N LEU A 956 -2.10 -33.58 -4.91
CA LEU A 956 -0.76 -34.10 -5.12
C LEU A 956 -0.25 -34.88 -3.93
N THR A 957 -1.13 -35.25 -3.00
CA THR A 957 -0.68 -35.85 -1.75
C THR A 957 -0.05 -37.22 -1.98
N GLN A 958 -0.65 -38.04 -2.83
CA GLN A 958 -0.10 -39.37 -3.05
C GLN A 958 1.16 -39.32 -3.91
N ASP A 959 1.41 -38.21 -4.59
CA ASP A 959 2.58 -38.07 -5.44
C ASP A 959 3.80 -37.66 -4.61
N PHE A 960 3.61 -36.81 -3.60
CA PHE A 960 4.70 -36.39 -2.73
C PHE A 960 4.99 -37.43 -1.67
N LEU A 961 4.01 -38.25 -1.30
CA LEU A 961 4.28 -39.35 -0.39
C LEU A 961 5.25 -40.34 -1.00
N ILE A 962 5.08 -40.65 -2.28
CA ILE A 962 5.98 -41.59 -2.94
C ILE A 962 7.39 -41.03 -3.04
N VAL A 963 7.52 -39.71 -3.07
CA VAL A 963 8.86 -39.11 -3.08
C VAL A 963 9.46 -39.12 -1.69
N ILE A 964 8.64 -38.87 -0.67
CA ILE A 964 9.14 -38.69 0.69
C ILE A 964 9.62 -40.02 1.27
N SER A 965 8.93 -41.10 0.95
CA SER A 965 9.30 -42.42 1.44
C SER A 965 10.30 -43.12 0.54
N LYS A 966 10.96 -42.38 -0.35
CA LYS A 966 11.94 -42.92 -1.28
C LYS A 966 11.34 -44.01 -2.15
N GLY A 967 10.13 -43.78 -2.63
CA GLY A 967 9.53 -44.72 -3.56
C GLY A 967 9.08 -46.01 -2.95
N ALA A 968 8.97 -46.07 -1.63
CA ALA A 968 8.54 -47.29 -0.96
C ALA A 968 7.08 -47.58 -1.27
N GLN A 969 6.60 -48.70 -0.72
CA GLN A 969 5.27 -49.22 -1.01
C GLN A 969 4.24 -48.77 0.01
N GLU A 970 4.58 -48.82 1.29
CA GLU A 970 3.76 -48.26 2.36
C GLU A 970 4.27 -46.86 2.65
N CYS A 971 3.66 -45.86 2.02
CA CYS A 971 4.16 -44.49 2.14
C CYS A 971 3.82 -43.89 3.50
N THR A 972 2.55 -43.99 3.91
CA THR A 972 2.07 -43.32 5.12
C THR A 972 2.44 -44.04 6.41
N LYS A 973 3.41 -44.96 6.38
CA LYS A 973 3.76 -45.69 7.58
C LYS A 973 5.27 -45.84 7.77
N THR A 974 6.07 -45.26 6.89
CA THR A 974 7.51 -45.41 6.94
C THR A 974 8.10 -44.53 8.04
N ARG A 975 9.33 -44.83 8.43
CA ARG A 975 10.04 -43.93 9.32
C ARG A 975 10.32 -42.58 8.66
N GLU A 976 10.27 -42.50 7.33
CA GLU A 976 10.54 -41.26 6.63
C GLU A 976 9.33 -40.34 6.65
N PHE A 977 8.12 -40.90 6.65
CA PHE A 977 6.92 -40.08 6.75
C PHE A 977 6.65 -39.61 8.16
N GLU A 978 7.18 -40.31 9.17
CA GLU A 978 7.06 -39.86 10.54
C GLU A 978 7.99 -38.71 10.85
N ARG A 979 9.05 -38.55 10.07
CA ARG A 979 9.92 -37.39 10.23
C ARG A 979 9.40 -36.19 9.46
N PHE A 980 8.62 -36.43 8.42
CA PHE A 980 7.92 -35.34 7.77
C PHE A 980 6.96 -34.66 8.73
N GLN A 981 6.30 -35.45 9.59
CA GLN A 981 5.32 -34.90 10.51
C GLN A 981 5.95 -34.19 11.69
N GLU A 982 7.08 -34.68 12.20
CA GLU A 982 7.76 -33.98 13.27
C GLU A 982 8.26 -32.62 12.83
N MET A 983 8.63 -32.47 11.55
CA MET A 983 9.09 -31.17 11.08
C MET A 983 7.95 -30.19 10.89
N CYS A 984 6.77 -30.65 10.51
CA CYS A 984 5.62 -29.77 10.39
C CYS A 984 5.12 -29.33 11.76
N TYR A 985 5.16 -30.22 12.75
CA TYR A 985 4.73 -29.87 14.09
C TYR A 985 5.67 -28.85 14.71
N LYS A 986 6.97 -29.03 14.54
CA LYS A 986 7.93 -28.08 15.07
C LYS A 986 7.83 -26.73 14.38
N ALA A 987 7.55 -26.74 13.08
CA ALA A 987 7.46 -25.49 12.34
C ALA A 987 6.14 -24.76 12.63
N TYR A 988 5.08 -25.51 12.90
CA TYR A 988 3.81 -24.89 13.23
C TYR A 988 3.86 -24.21 14.60
N LEU A 989 4.55 -24.81 15.57
CA LEU A 989 4.55 -24.28 16.92
C LEU A 989 5.53 -23.14 17.12
N ALA A 990 6.48 -22.95 16.21
CA ALA A 990 7.40 -21.82 16.31
C ALA A 990 6.84 -20.57 15.69
N ILE A 991 5.97 -20.70 14.69
CA ILE A 991 5.29 -19.53 14.16
C ILE A 991 4.23 -19.07 15.13
N ARG A 992 3.63 -19.99 15.88
CA ARG A 992 2.60 -19.67 16.85
C ARG A 992 3.16 -18.95 18.06
N GLN A 993 4.48 -19.01 18.27
CA GLN A 993 5.15 -18.26 19.30
C GLN A 993 5.50 -16.85 18.88
N HIS A 994 5.35 -16.53 17.60
CA HIS A 994 5.63 -15.20 17.06
C HIS A 994 4.38 -14.62 16.41
N ALA A 995 3.22 -14.91 16.98
CA ALA A 995 1.97 -14.52 16.34
C ALA A 995 1.77 -13.02 16.32
N ASN A 996 2.36 -12.30 17.28
CA ASN A 996 2.11 -10.87 17.36
C ASN A 996 2.79 -10.12 16.22
N LEU A 997 3.99 -10.57 15.83
CA LEU A 997 4.67 -9.97 14.68
C LEU A 997 3.82 -10.04 13.42
N PHE A 998 3.15 -11.16 13.20
CA PHE A 998 2.36 -11.34 12.00
C PHE A 998 1.00 -10.68 12.07
N ILE A 999 0.46 -10.48 13.27
CA ILE A 999 -0.79 -9.73 13.41
C ILE A 999 -0.55 -8.26 13.09
N ASN A 1000 0.60 -7.72 13.48
CA ASN A 1000 0.87 -6.30 13.26
C ASN A 1000 1.18 -5.99 11.80
N LEU A 1001 1.87 -6.88 11.10
CA LEU A 1001 2.20 -6.61 9.71
C LEU A 1001 0.95 -6.56 8.84
N PHE A 1002 -0.10 -7.28 9.22
CA PHE A 1002 -1.39 -7.17 8.55
C PHE A 1002 -2.19 -5.97 9.00
N SER A 1003 -2.06 -5.58 10.27
CA SER A 1003 -2.77 -4.41 10.76
C SER A 1003 -2.28 -3.15 10.08
N MET A 1004 -0.99 -3.09 9.76
CA MET A 1004 -0.42 -1.92 9.11
C MET A 1004 -0.82 -1.79 7.66
N MET A 1005 -1.65 -2.69 7.12
CA MET A 1005 -2.00 -2.69 5.71
C MET A 1005 -3.49 -2.43 5.48
N LEU A 1006 -4.23 -2.00 6.50
CA LEU A 1006 -5.69 -1.92 6.38
C LEU A 1006 -6.14 -0.82 5.44
N GLY A 1007 -5.40 0.28 5.37
CA GLY A 1007 -5.72 1.32 4.41
C GLY A 1007 -5.02 1.20 3.08
N SER A 1008 -4.20 0.17 2.92
CA SER A 1008 -3.49 -0.09 1.67
C SER A 1008 -4.43 -0.08 0.47
N GLY A 1009 -5.61 -0.65 0.60
CA GLY A 1009 -6.57 -0.70 -0.48
C GLY A 1009 -6.82 -2.08 -1.05
N MET A 1010 -6.07 -3.10 -0.62
CA MET A 1010 -6.31 -4.45 -1.11
C MET A 1010 -7.69 -4.93 -0.68
N PRO A 1011 -8.43 -5.61 -1.56
CA PRO A 1011 -9.80 -6.01 -1.20
C PRO A 1011 -9.88 -7.13 -0.18
N GLU A 1012 -8.86 -7.98 -0.08
CA GLU A 1012 -8.87 -9.04 0.93
C GLU A 1012 -8.70 -8.50 2.34
N LEU A 1013 -8.21 -7.28 2.48
CA LEU A 1013 -7.74 -6.78 3.77
C LEU A 1013 -8.30 -5.38 3.95
N GLN A 1014 -9.52 -5.30 4.50
CA GLN A 1014 -10.25 -4.04 4.60
C GLN A 1014 -10.62 -3.66 6.03
N SER A 1015 -10.86 -4.63 6.90
CA SER A 1015 -11.25 -4.36 8.27
C SER A 1015 -10.43 -5.24 9.21
N PHE A 1016 -10.56 -4.99 10.51
CA PHE A 1016 -10.00 -5.90 11.51
C PHE A 1016 -10.76 -7.22 11.60
N ASP A 1017 -11.91 -7.34 10.92
CA ASP A 1017 -12.59 -8.62 10.82
C ASP A 1017 -11.91 -9.54 9.82
N ASP A 1018 -11.13 -9.00 8.89
CA ASP A 1018 -10.45 -9.84 7.91
C ASP A 1018 -9.16 -10.42 8.45
N ILE A 1019 -8.58 -9.84 9.50
CA ILE A 1019 -7.39 -10.39 10.13
C ILE A 1019 -7.73 -11.47 11.14
N ALA A 1020 -9.02 -11.66 11.45
CA ALA A 1020 -9.42 -12.69 12.39
C ALA A 1020 -9.15 -14.10 11.87
N TYR A 1021 -8.93 -14.25 10.57
CA TYR A 1021 -8.62 -15.56 10.00
C TYR A 1021 -7.31 -16.10 10.56
N ILE A 1022 -6.32 -15.21 10.76
CA ILE A 1022 -5.02 -15.65 11.25
C ILE A 1022 -5.11 -16.09 12.69
N ARG A 1023 -6.06 -15.59 13.46
CA ARG A 1023 -6.19 -15.99 14.84
C ARG A 1023 -6.87 -17.35 14.98
N LYS A 1024 -7.60 -17.77 13.96
CA LYS A 1024 -8.19 -19.10 13.97
C LYS A 1024 -7.16 -20.17 13.57
N THR A 1025 -6.43 -19.96 12.48
CA THR A 1025 -5.46 -20.97 12.04
C THR A 1025 -4.31 -21.14 13.01
N LEU A 1026 -3.93 -20.08 13.74
CA LEU A 1026 -2.89 -20.23 14.74
C LEU A 1026 -3.41 -20.65 16.10
N ALA A 1027 -4.73 -20.85 16.23
CA ALA A 1027 -5.36 -21.38 17.45
C ALA A 1027 -5.00 -20.57 18.68
N LEU A 1028 -5.16 -19.25 18.59
CA LEU A 1028 -4.63 -18.37 19.63
C LEU A 1028 -5.46 -18.40 20.90
N ASP A 1029 -6.75 -18.73 20.81
CA ASP A 1029 -7.60 -18.83 21.98
C ASP A 1029 -7.51 -20.18 22.68
N LYS A 1030 -6.85 -21.17 22.09
CA LYS A 1030 -6.69 -22.47 22.70
C LYS A 1030 -5.39 -22.49 23.51
N THR A 1031 -4.96 -23.67 23.92
CA THR A 1031 -3.65 -23.88 24.53
C THR A 1031 -2.73 -24.58 23.54
N GLU A 1032 -1.48 -24.80 23.96
CA GLU A 1032 -0.48 -25.30 23.02
C GLU A 1032 -0.71 -26.76 22.66
N GLN A 1033 -1.41 -27.52 23.49
CA GLN A 1033 -1.72 -28.90 23.12
C GLN A 1033 -3.04 -29.01 22.41
N GLU A 1034 -3.98 -28.10 22.68
CA GLU A 1034 -5.23 -28.08 21.93
C GLU A 1034 -5.07 -27.46 20.56
N ALA A 1035 -3.99 -26.69 20.34
CA ALA A 1035 -3.72 -26.11 19.04
C ALA A 1035 -3.12 -27.15 18.09
N LEU A 1036 -2.15 -27.91 18.59
CA LEU A 1036 -1.49 -28.92 17.77
C LEU A 1036 -2.47 -29.97 17.29
N GLU A 1037 -3.43 -30.35 18.14
CA GLU A 1037 -4.46 -31.28 17.72
C GLU A 1037 -5.39 -30.66 16.69
N TYR A 1038 -5.50 -29.33 16.66
CA TYR A 1038 -6.25 -28.65 15.63
C TYR A 1038 -5.52 -28.67 14.30
N PHE A 1039 -4.18 -28.64 14.34
CA PHE A 1039 -3.38 -28.71 13.12
C PHE A 1039 -3.36 -30.12 12.56
N MET A 1040 -3.17 -31.12 13.43
CA MET A 1040 -3.20 -32.50 12.97
C MET A 1040 -4.56 -32.89 12.43
N LYS A 1041 -5.62 -32.29 12.95
CA LYS A 1041 -6.97 -32.64 12.50
C LYS A 1041 -7.33 -31.95 11.20
N GLN A 1042 -6.69 -30.82 10.89
CA GLN A 1042 -6.90 -30.15 9.61
C GLN A 1042 -6.03 -30.75 8.50
N MET A 1043 -4.86 -31.27 8.85
CA MET A 1043 -4.01 -31.92 7.85
C MET A 1043 -4.60 -33.25 7.42
N ASN A 1044 -5.14 -34.02 8.37
CA ASN A 1044 -5.74 -35.31 8.06
C ASN A 1044 -6.96 -35.16 7.16
N ASP A 1045 -7.65 -34.04 7.23
CA ASP A 1045 -8.79 -33.81 6.35
C ASP A 1045 -8.38 -33.46 4.94
N ALA A 1046 -7.14 -33.04 4.75
CA ALA A 1046 -6.58 -32.74 3.43
C ALA A 1046 -5.76 -33.91 2.90
N ARG A 1047 -5.91 -35.09 3.47
CA ARG A 1047 -5.16 -36.28 3.07
C ARG A 1047 -5.72 -36.71 1.72
N HIS A 1048 -5.38 -37.94 1.28
CA HIS A 1048 -5.31 -38.35 -0.13
C HIS A 1048 -6.34 -37.66 -1.02
N GLY A 1049 -7.59 -37.58 -0.57
CA GLY A 1049 -8.59 -36.79 -1.25
C GLY A 1049 -8.84 -37.16 -2.69
N GLY A 1050 -8.39 -36.30 -3.61
CA GLY A 1050 -8.50 -36.57 -5.03
C GLY A 1050 -7.26 -37.25 -5.54
N ASN B 323 -40.24 -17.79 38.95
CA ASN B 323 -40.59 -18.21 37.60
C ASN B 323 -39.85 -17.35 36.58
N ASN B 324 -39.43 -16.17 37.01
CA ASN B 324 -38.54 -15.35 36.19
C ASN B 324 -37.13 -15.93 36.10
N ASN B 325 -36.80 -16.91 36.94
CA ASN B 325 -35.51 -17.57 36.90
C ASN B 325 -35.63 -18.87 36.11
N MET B 326 -35.82 -18.72 34.80
CA MET B 326 -35.93 -19.86 33.90
C MET B 326 -34.55 -20.44 33.64
N SER B 327 -34.45 -21.34 32.66
CA SER B 327 -33.16 -21.90 32.30
C SER B 327 -32.43 -20.95 31.36
N LEU B 328 -31.10 -20.86 31.55
CA LEU B 328 -30.27 -20.01 30.71
C LEU B 328 -30.25 -20.45 29.27
N GLN B 329 -30.55 -21.71 29.01
CA GLN B 329 -30.57 -22.23 27.65
C GLN B 329 -31.84 -21.86 26.90
N ASP B 330 -32.88 -21.40 27.59
CA ASP B 330 -34.11 -20.96 26.93
C ASP B 330 -34.30 -19.45 26.96
N ALA B 331 -33.36 -18.70 27.54
CA ALA B 331 -33.48 -17.26 27.55
C ALA B 331 -33.40 -16.70 26.13
N GLU B 332 -34.10 -15.59 25.90
CA GLU B 332 -34.10 -14.97 24.59
C GLU B 332 -32.80 -14.24 24.30
N TRP B 333 -32.16 -13.69 25.32
CA TRP B 333 -30.94 -12.92 25.15
C TRP B 333 -29.66 -13.73 25.26
N TYR B 334 -29.74 -15.06 25.28
CA TYR B 334 -28.54 -15.89 25.39
C TYR B 334 -28.27 -16.57 24.06
N TRP B 335 -27.01 -16.54 23.62
CA TRP B 335 -26.67 -16.90 22.26
C TRP B 335 -25.66 -18.03 22.11
N GLY B 336 -25.22 -18.63 23.20
CA GLY B 336 -24.33 -19.77 23.05
C GLY B 336 -22.95 -19.34 22.63
N ASP B 337 -22.37 -20.05 21.67
CA ASP B 337 -21.04 -19.77 21.17
C ASP B 337 -21.15 -19.13 19.79
N ILE B 338 -21.14 -17.81 19.76
CA ILE B 338 -21.00 -17.06 18.53
C ILE B 338 -19.76 -16.20 18.67
N SER B 339 -19.14 -15.89 17.54
CA SER B 339 -17.85 -15.24 17.56
C SER B 339 -17.98 -13.77 17.94
N ARG B 340 -16.85 -13.18 18.33
CA ARG B 340 -16.83 -11.76 18.67
C ARG B 340 -17.23 -10.91 17.47
N GLU B 341 -16.79 -11.28 16.28
CA GLU B 341 -17.10 -10.49 15.09
C GLU B 341 -18.51 -10.72 14.58
N GLU B 342 -19.22 -11.71 15.10
CA GLU B 342 -20.62 -11.92 14.72
C GLU B 342 -21.57 -11.22 15.67
N VAL B 343 -21.10 -10.79 16.84
CA VAL B 343 -21.88 -9.95 17.72
C VAL B 343 -21.78 -8.48 17.30
N ASN B 344 -20.67 -8.09 16.65
CA ASN B 344 -20.53 -6.72 16.18
C ASN B 344 -21.51 -6.38 15.07
N GLU B 345 -22.09 -7.39 14.43
CA GLU B 345 -23.09 -7.21 13.39
C GLU B 345 -24.51 -7.13 13.94
N LYS B 346 -24.67 -7.20 15.25
CA LYS B 346 -25.97 -7.15 15.89
C LYS B 346 -26.15 -5.96 16.80
N LEU B 347 -25.06 -5.33 17.24
CA LEU B 347 -25.13 -4.12 18.04
C LEU B 347 -24.79 -2.88 17.23
N ARG B 348 -24.61 -3.02 15.92
CA ARG B 348 -24.18 -1.93 15.05
C ARG B 348 -25.28 -0.88 14.93
N ASP B 349 -25.00 0.31 15.44
CA ASP B 349 -25.95 1.44 15.38
C ASP B 349 -27.28 1.07 16.04
N THR B 350 -27.21 0.80 17.33
CA THR B 350 -28.39 0.53 18.14
C THR B 350 -28.36 1.44 19.36
N ALA B 351 -29.52 1.59 19.99
CA ALA B 351 -29.65 2.51 21.10
C ALA B 351 -28.84 2.04 22.30
N ASP B 352 -28.37 2.99 23.10
CA ASP B 352 -27.54 2.67 24.24
C ASP B 352 -28.36 1.96 25.30
N GLY B 353 -28.08 0.67 25.49
CA GLY B 353 -28.85 -0.17 26.39
C GLY B 353 -29.19 -1.52 25.80
N THR B 354 -28.64 -1.81 24.63
CA THR B 354 -28.88 -3.09 23.97
C THR B 354 -27.81 -4.08 24.41
N PHE B 355 -28.19 -5.35 24.58
CA PHE B 355 -27.26 -6.30 25.16
C PHE B 355 -27.58 -7.73 24.72
N LEU B 356 -26.62 -8.61 24.95
CA LEU B 356 -26.78 -10.06 24.83
C LEU B 356 -25.64 -10.73 25.59
N VAL B 357 -25.79 -12.02 25.84
CA VAL B 357 -24.78 -12.80 26.54
C VAL B 357 -24.39 -13.99 25.68
N ARG B 358 -23.10 -14.35 25.72
CA ARG B 358 -22.57 -15.50 25.00
C ARG B 358 -21.50 -16.17 25.84
N ASP B 359 -20.95 -17.27 25.32
CA ASP B 359 -19.87 -17.99 25.98
C ASP B 359 -18.53 -17.30 25.74
N ALA B 360 -17.65 -17.37 26.72
CA ALA B 360 -16.36 -16.71 26.60
C ALA B 360 -15.52 -17.34 25.49
N SER B 361 -14.60 -16.54 24.95
CA SER B 361 -13.83 -16.96 23.78
C SER B 361 -12.93 -18.15 24.05
N THR B 362 -12.59 -18.40 25.31
CA THR B 362 -11.73 -19.54 25.62
C THR B 362 -12.40 -20.87 25.36
N LYS B 363 -13.74 -20.91 25.32
CA LYS B 363 -14.54 -22.12 25.13
C LYS B 363 -14.50 -23.05 26.34
N MET B 364 -14.15 -22.53 27.51
CA MET B 364 -14.38 -23.23 28.76
C MET B 364 -15.77 -22.86 29.26
N HIS B 365 -16.57 -23.86 29.65
CA HIS B 365 -17.97 -23.62 29.92
C HIS B 365 -18.20 -23.03 31.30
N GLY B 366 -19.08 -22.03 31.36
CA GLY B 366 -19.41 -21.36 32.60
C GLY B 366 -18.77 -20.00 32.75
N ASP B 367 -18.55 -19.30 31.63
CA ASP B 367 -17.83 -18.03 31.64
C ASP B 367 -18.72 -16.85 31.33
N TYR B 368 -19.42 -16.84 30.18
CA TYR B 368 -20.55 -15.96 29.97
C TYR B 368 -20.15 -14.48 30.00
N THR B 369 -19.54 -14.05 28.91
CA THR B 369 -19.33 -12.62 28.69
C THR B 369 -20.61 -11.90 28.27
N LEU B 370 -20.89 -10.77 28.91
CA LEU B 370 -21.98 -9.86 28.56
C LEU B 370 -21.50 -8.73 27.66
N THR B 371 -22.27 -8.41 26.62
CA THR B 371 -21.93 -7.36 25.67
C THR B 371 -22.99 -6.27 25.69
N LEU B 372 -22.59 -5.07 26.12
CA LEU B 372 -23.48 -3.93 26.30
C LEU B 372 -23.14 -2.82 25.32
N ARG B 373 -24.16 -2.18 24.75
CA ARG B 373 -24.02 -1.05 23.83
C ARG B 373 -24.20 0.25 24.61
N LYS B 374 -23.19 1.11 24.58
CA LYS B 374 -23.26 2.30 25.42
C LYS B 374 -22.30 3.36 24.90
N GLY B 375 -22.84 4.49 24.47
CA GLY B 375 -22.02 5.61 24.04
C GLY B 375 -21.42 5.48 22.67
N GLY B 376 -22.04 4.69 21.79
CA GLY B 376 -21.49 4.41 20.49
C GLY B 376 -20.54 3.24 20.43
N ASN B 377 -20.18 2.65 21.57
CA ASN B 377 -19.24 1.56 21.67
C ASN B 377 -19.94 0.31 22.18
N ASN B 378 -19.25 -0.83 22.02
CA ASN B 378 -19.71 -2.11 22.55
C ASN B 378 -18.86 -2.48 23.75
N LYS B 379 -19.43 -2.35 24.95
CA LYS B 379 -18.74 -2.70 26.18
C LYS B 379 -18.79 -4.20 26.39
N LEU B 380 -17.82 -4.71 27.15
CA LEU B 380 -17.57 -6.15 27.20
C LEU B 380 -17.25 -6.52 28.64
N ILE B 381 -18.20 -7.13 29.33
CA ILE B 381 -18.18 -7.30 30.78
C ILE B 381 -18.19 -8.79 31.10
N LYS B 382 -17.33 -9.20 32.02
CA LYS B 382 -17.14 -10.61 32.37
C LYS B 382 -18.01 -11.02 33.55
N ILE B 383 -18.46 -12.27 33.53
CA ILE B 383 -19.31 -12.84 34.57
C ILE B 383 -18.55 -14.02 35.20
N PHE B 384 -18.18 -13.88 36.47
CA PHE B 384 -17.35 -14.88 37.14
C PHE B 384 -18.21 -15.96 37.82
N HIS B 385 -17.58 -17.08 38.15
CA HIS B 385 -18.27 -18.31 38.54
C HIS B 385 -17.60 -18.98 39.76
N ARG B 386 -17.40 -18.25 40.85
CA ARG B 386 -16.97 -18.90 42.08
C ARG B 386 -18.04 -19.87 42.60
N ASP B 387 -17.64 -21.13 42.76
CA ASP B 387 -18.31 -22.20 43.52
C ASP B 387 -19.84 -22.17 43.48
N GLY B 388 -20.41 -21.96 42.30
CA GLY B 388 -21.86 -21.93 42.19
C GLY B 388 -22.48 -20.56 42.34
N LYS B 389 -21.68 -19.50 42.38
CA LYS B 389 -22.18 -18.13 42.41
C LYS B 389 -21.77 -17.40 41.14
N TYR B 390 -22.44 -16.28 40.89
CA TYR B 390 -22.24 -15.51 39.69
C TYR B 390 -22.12 -14.04 40.04
N GLY B 391 -21.63 -13.26 39.09
CA GLY B 391 -21.56 -11.82 39.28
C GLY B 391 -20.33 -11.26 38.60
N PHE B 392 -20.09 -9.98 38.89
CA PHE B 392 -19.04 -9.18 38.26
C PHE B 392 -17.76 -9.12 39.10
N SER B 393 -17.88 -8.79 40.38
CA SER B 393 -16.73 -8.69 41.26
C SER B 393 -16.63 -9.93 42.14
N ASP B 394 -15.66 -9.90 43.05
CA ASP B 394 -15.27 -11.08 43.82
C ASP B 394 -16.31 -11.47 44.87
N PRO B 395 -17.02 -10.52 45.49
CA PRO B 395 -18.21 -10.92 46.26
C PRO B 395 -19.33 -11.37 45.35
N LEU B 396 -19.25 -12.62 44.88
CA LEU B 396 -20.28 -13.17 44.00
C LEU B 396 -21.52 -13.50 44.81
N THR B 397 -22.63 -12.84 44.50
CA THR B 397 -23.81 -12.94 45.35
C THR B 397 -25.08 -13.13 44.52
N PHE B 398 -25.01 -13.97 43.50
CA PHE B 398 -26.17 -14.30 42.69
C PHE B 398 -26.23 -15.81 42.47
N SER B 399 -27.46 -16.31 42.31
CA SER B 399 -27.67 -17.75 42.22
C SER B 399 -27.45 -18.29 40.82
N SER B 400 -27.48 -17.44 39.81
CA SER B 400 -27.51 -17.90 38.44
C SER B 400 -27.43 -16.68 37.53
N VAL B 401 -27.18 -16.95 36.25
CA VAL B 401 -27.03 -15.86 35.28
C VAL B 401 -28.37 -15.16 35.07
N VAL B 402 -29.46 -15.93 34.93
CA VAL B 402 -30.77 -15.34 34.66
C VAL B 402 -31.22 -14.44 35.79
N GLU B 403 -30.76 -14.71 37.01
CA GLU B 403 -31.05 -13.80 38.12
C GLU B 403 -30.25 -12.52 37.99
N LEU B 404 -28.96 -12.64 37.67
CA LEU B 404 -28.09 -11.47 37.54
C LEU B 404 -28.57 -10.53 36.46
N ILE B 405 -28.97 -11.07 35.31
CA ILE B 405 -29.45 -10.24 34.21
C ILE B 405 -30.73 -9.51 34.61
N ASN B 406 -31.54 -10.12 35.46
CA ASN B 406 -32.80 -9.50 35.85
C ASN B 406 -32.62 -8.47 36.94
N HIS B 407 -31.57 -8.60 37.75
CA HIS B 407 -31.29 -7.58 38.76
C HIS B 407 -30.91 -6.26 38.12
N TYR B 408 -30.39 -6.27 36.89
CA TYR B 408 -29.93 -5.06 36.23
C TYR B 408 -30.84 -4.59 35.11
N ARG B 409 -31.89 -5.33 34.79
CA ARG B 409 -32.91 -4.82 33.89
C ARG B 409 -33.88 -3.88 34.61
N ASN B 410 -33.66 -3.65 35.90
CA ASN B 410 -34.46 -2.74 36.69
C ASN B 410 -33.63 -1.78 37.54
N GLU B 411 -32.38 -2.12 37.84
CA GLU B 411 -31.43 -1.21 38.45
C GLU B 411 -30.33 -0.91 37.45
N SER B 412 -29.86 0.34 37.44
CA SER B 412 -28.82 0.73 36.51
C SER B 412 -27.50 0.05 36.86
N LEU B 413 -26.62 -0.05 35.87
CA LEU B 413 -25.29 -0.62 36.08
C LEU B 413 -24.37 0.32 36.84
N ALA B 414 -24.83 1.51 37.21
CA ALA B 414 -24.04 2.38 38.06
C ALA B 414 -23.78 1.78 39.43
N GLN B 415 -24.58 0.79 39.83
CA GLN B 415 -24.33 0.10 41.09
C GLN B 415 -23.05 -0.72 41.03
N TYR B 416 -22.60 -1.10 39.84
CA TYR B 416 -21.29 -1.73 39.71
C TYR B 416 -20.20 -0.73 39.41
N ASN B 417 -20.38 0.11 38.39
CA ASN B 417 -19.39 1.11 38.01
C ASN B 417 -20.10 2.43 37.80
N PRO B 418 -19.84 3.46 38.62
CA PRO B 418 -20.56 4.73 38.47
C PRO B 418 -20.38 5.38 37.11
N LYS B 419 -19.26 5.13 36.45
CA LYS B 419 -19.02 5.64 35.10
C LYS B 419 -19.80 4.91 34.02
N LEU B 420 -20.58 3.90 34.40
CA LEU B 420 -21.32 3.08 33.44
C LEU B 420 -22.82 3.20 33.69
N ASP B 421 -23.29 4.44 33.84
CA ASP B 421 -24.67 4.69 34.21
C ASP B 421 -25.61 4.34 33.06
N VAL B 422 -26.11 3.11 33.06
CA VAL B 422 -27.12 2.69 32.08
C VAL B 422 -27.73 1.39 32.57
N LYS B 423 -28.93 1.10 32.10
CA LYS B 423 -29.62 -0.14 32.44
C LYS B 423 -29.57 -1.07 31.23
N LEU B 424 -29.93 -2.34 31.47
CA LEU B 424 -30.05 -3.30 30.39
C LEU B 424 -31.48 -3.21 29.87
N LEU B 425 -31.68 -2.48 28.77
CA LEU B 425 -33.02 -2.13 28.32
C LEU B 425 -33.53 -3.01 27.19
N TYR B 426 -32.76 -3.12 26.10
CA TYR B 426 -33.26 -3.65 24.84
C TYR B 426 -32.55 -4.95 24.51
N PRO B 427 -33.00 -6.08 25.05
CA PRO B 427 -32.31 -7.34 24.78
C PRO B 427 -32.44 -7.77 23.32
N VAL B 428 -31.31 -8.13 22.73
CA VAL B 428 -31.28 -8.65 21.37
C VAL B 428 -31.84 -10.06 21.41
N SER B 429 -33.11 -10.20 21.04
CA SER B 429 -33.78 -11.48 21.14
C SER B 429 -33.38 -12.40 20.00
N LYS B 430 -33.45 -13.71 20.26
CA LYS B 430 -33.12 -14.70 19.24
C LYS B 430 -34.34 -15.13 18.45
N TYR B 431 -35.53 -15.10 19.04
CA TYR B 431 -36.72 -15.56 18.36
C TYR B 431 -37.51 -14.44 17.71
N GLN B 432 -37.00 -13.21 17.75
CA GLN B 432 -37.67 -12.11 17.06
C GLN B 432 -37.32 -12.08 15.58
N GLN B 433 -36.04 -12.26 15.25
CA GLN B 433 -35.57 -12.18 13.89
C GLN B 433 -35.37 -13.55 13.24
N ASP B 434 -35.12 -14.59 14.03
CA ASP B 434 -35.06 -15.93 13.45
C ASP B 434 -36.39 -16.34 12.85
N GLN B 435 -37.50 -15.75 13.31
CA GLN B 435 -38.81 -16.01 12.71
C GLN B 435 -38.99 -15.27 11.39
N VAL B 436 -38.05 -14.41 11.01
CA VAL B 436 -38.11 -13.72 9.71
C VAL B 436 -38.21 -14.72 8.56
N VAL B 437 -37.66 -15.91 8.74
CA VAL B 437 -37.85 -17.04 7.85
C VAL B 437 -39.10 -17.79 8.28
N LYS B 438 -39.79 -18.40 7.32
CA LYS B 438 -41.00 -19.16 7.62
C LYS B 438 -40.93 -20.51 6.93
N GLU B 439 -41.93 -21.36 7.22
CA GLU B 439 -42.14 -22.63 6.54
C GLU B 439 -40.92 -23.56 6.70
N ASP B 440 -40.75 -24.04 7.94
CA ASP B 440 -39.63 -24.92 8.30
C ASP B 440 -39.66 -26.30 7.60
N ASN B 441 -40.55 -26.59 6.65
CA ASN B 441 -40.43 -27.75 5.79
C ASN B 441 -39.07 -27.76 5.11
N ILE B 442 -38.66 -28.92 4.58
CA ILE B 442 -37.50 -28.93 3.68
C ILE B 442 -37.94 -28.83 2.23
N GLU B 443 -39.19 -29.18 1.91
CA GLU B 443 -39.68 -29.00 0.55
C GLU B 443 -39.89 -27.53 0.22
N ALA B 444 -40.19 -26.71 1.23
CA ALA B 444 -40.46 -25.30 1.00
C ALA B 444 -39.17 -24.48 0.91
N VAL B 445 -38.39 -24.47 1.99
CA VAL B 445 -37.25 -23.57 2.08
C VAL B 445 -36.18 -23.85 1.03
N GLY B 446 -36.10 -25.09 0.55
CA GLY B 446 -35.19 -25.36 -0.56
C GLY B 446 -35.56 -24.58 -1.79
N LYS B 447 -36.87 -24.42 -2.04
CA LYS B 447 -37.32 -23.62 -3.17
C LYS B 447 -37.17 -22.13 -2.87
N LYS B 448 -37.42 -21.72 -1.63
CA LYS B 448 -37.24 -20.33 -1.25
C LYS B 448 -35.76 -19.97 -1.17
N LEU B 449 -34.89 -20.95 -0.94
CA LEU B 449 -33.47 -20.68 -1.06
C LEU B 449 -33.05 -20.60 -2.52
N HIS B 450 -33.71 -21.36 -3.39
CA HIS B 450 -33.37 -21.32 -4.80
C HIS B 450 -33.84 -20.02 -5.44
N GLU B 451 -35.00 -19.50 -5.02
CA GLU B 451 -35.46 -18.20 -5.49
C GLU B 451 -34.46 -17.10 -5.19
N TYR B 452 -33.96 -17.06 -3.96
CA TYR B 452 -33.13 -15.95 -3.55
C TYR B 452 -31.70 -16.08 -4.05
N ASN B 453 -31.17 -17.30 -4.12
CA ASN B 453 -29.79 -17.44 -4.56
C ASN B 453 -29.66 -17.13 -6.04
N THR B 454 -30.74 -17.26 -6.79
CA THR B 454 -30.71 -16.87 -8.20
C THR B 454 -30.85 -15.36 -8.35
N GLN B 455 -31.82 -14.77 -7.64
CA GLN B 455 -32.03 -13.34 -7.75
C GLN B 455 -30.89 -12.54 -7.11
N PHE B 456 -30.28 -13.07 -6.06
CA PHE B 456 -29.18 -12.35 -5.42
C PHE B 456 -27.98 -12.23 -6.35
N GLN B 457 -27.51 -13.34 -6.89
CA GLN B 457 -26.31 -13.31 -7.72
C GLN B 457 -26.58 -12.79 -9.13
N GLU B 458 -27.84 -12.60 -9.50
CA GLU B 458 -28.13 -11.87 -10.72
C GLU B 458 -27.97 -10.37 -10.53
N LYS B 459 -28.25 -9.89 -9.31
CA LYS B 459 -27.99 -8.49 -8.99
C LYS B 459 -26.49 -8.18 -9.03
N SER B 460 -25.68 -9.03 -8.40
CA SER B 460 -24.24 -8.81 -8.39
C SER B 460 -23.64 -8.85 -9.79
N ARG B 461 -24.28 -9.57 -10.72
CA ARG B 461 -23.85 -9.52 -12.10
C ARG B 461 -24.30 -8.23 -12.79
N GLU B 462 -25.28 -7.54 -12.20
CA GLU B 462 -25.68 -6.24 -12.70
C GLU B 462 -25.05 -5.08 -11.94
N TYR B 463 -24.59 -5.34 -10.72
CA TYR B 463 -23.90 -4.29 -9.98
C TYR B 463 -22.46 -4.15 -10.44
N ASP B 464 -21.68 -5.23 -10.32
CA ASP B 464 -20.25 -5.13 -10.58
C ASP B 464 -19.94 -4.93 -12.07
N ARG B 465 -20.94 -5.06 -12.93
CA ARG B 465 -20.82 -4.57 -14.29
C ARG B 465 -20.86 -3.05 -14.34
N LEU B 466 -21.78 -2.44 -13.58
CA LEU B 466 -21.85 -0.98 -13.54
C LEU B 466 -20.61 -0.39 -12.92
N TYR B 467 -20.09 -0.99 -11.86
CA TYR B 467 -18.85 -0.49 -11.27
C TYR B 467 -17.69 -0.60 -12.23
N GLU B 468 -17.77 -1.49 -13.22
CA GLU B 468 -16.76 -1.56 -14.26
C GLU B 468 -16.93 -0.40 -15.25
N GLU B 469 -18.17 -0.13 -15.68
CA GLU B 469 -18.41 1.00 -16.57
C GLU B 469 -18.23 2.33 -15.86
N TYR B 470 -18.24 2.33 -14.54
CA TYR B 470 -18.17 3.59 -13.79
C TYR B 470 -16.75 4.12 -13.72
N THR B 471 -15.77 3.23 -13.49
CA THR B 471 -14.39 3.68 -13.40
C THR B 471 -13.80 3.94 -14.78
N ARG B 472 -14.34 3.31 -15.81
CA ARG B 472 -13.89 3.60 -17.16
C ARG B 472 -14.40 4.95 -17.63
N THR B 473 -15.64 5.29 -17.26
CA THR B 473 -16.18 6.60 -17.62
C THR B 473 -15.52 7.71 -16.80
N SER B 474 -15.03 7.37 -15.60
CA SER B 474 -14.32 8.34 -14.78
C SER B 474 -12.96 8.68 -15.37
N GLN B 475 -12.27 7.68 -15.92
CA GLN B 475 -10.94 7.92 -16.48
C GLN B 475 -10.99 8.67 -17.81
N GLU B 476 -12.11 8.57 -18.52
CA GLU B 476 -12.25 9.27 -19.78
C GLU B 476 -12.72 10.71 -19.58
N ILE B 477 -13.43 10.97 -18.48
CA ILE B 477 -13.72 12.35 -18.10
C ILE B 477 -12.43 13.09 -17.78
N GLN B 478 -11.49 12.44 -17.15
CA GLN B 478 -10.29 13.12 -16.72
C GLN B 478 -9.31 13.38 -17.86
N MET B 479 -9.27 12.49 -18.86
CA MET B 479 -8.45 12.77 -20.03
C MET B 479 -8.96 13.97 -20.79
N LYS B 480 -10.29 14.09 -20.94
CA LYS B 480 -10.85 15.20 -21.69
C LYS B 480 -10.59 16.53 -20.99
N ARG B 481 -10.67 16.56 -19.67
CA ARG B 481 -10.51 17.83 -18.97
C ARG B 481 -9.09 18.36 -19.05
N THR B 482 -8.11 17.47 -19.13
CA THR B 482 -6.73 17.91 -19.32
C THR B 482 -6.50 18.44 -20.73
N ALA B 483 -7.11 17.82 -21.73
CA ALA B 483 -7.00 18.30 -23.09
C ALA B 483 -7.61 19.69 -23.26
N ILE B 484 -8.70 19.97 -22.53
CA ILE B 484 -9.30 21.30 -22.59
C ILE B 484 -8.35 22.34 -22.03
N GLU B 485 -7.53 21.97 -21.05
CA GLU B 485 -6.54 22.91 -20.55
C GLU B 485 -5.38 23.08 -21.52
N ALA B 486 -5.17 22.10 -22.39
CA ALA B 486 -4.11 22.21 -23.39
C ALA B 486 -4.51 23.16 -24.50
N PHE B 487 -5.80 23.19 -24.86
CA PHE B 487 -6.28 24.17 -25.84
C PHE B 487 -6.28 25.58 -25.25
N ASN B 488 -6.61 25.72 -23.97
CA ASN B 488 -6.69 27.06 -23.40
C ASN B 488 -5.33 27.72 -23.34
N GLU B 489 -4.28 26.95 -23.08
CA GLU B 489 -2.92 27.50 -23.09
C GLU B 489 -2.39 27.70 -24.50
N THR B 490 -2.83 26.87 -25.45
CA THR B 490 -2.41 27.02 -26.84
C THR B 490 -3.02 28.26 -27.47
N ILE B 491 -4.35 28.43 -27.33
CA ILE B 491 -5.04 29.60 -27.88
C ILE B 491 -4.51 30.88 -27.26
N LYS B 492 -4.04 30.80 -26.02
CA LYS B 492 -3.56 31.98 -25.32
C LYS B 492 -2.25 32.50 -25.89
N ILE B 493 -1.48 31.69 -26.60
CA ILE B 493 -0.22 32.20 -27.14
C ILE B 493 -0.36 32.64 -28.59
N PHE B 494 -1.32 32.10 -29.34
CA PHE B 494 -1.57 32.65 -30.67
C PHE B 494 -2.08 34.08 -30.58
N GLU B 495 -3.11 34.30 -29.76
CA GLU B 495 -3.70 35.63 -29.65
C GLU B 495 -2.69 36.67 -29.16
N GLU B 496 -1.74 36.26 -28.31
CA GLU B 496 -0.65 37.16 -27.97
C GLU B 496 0.39 37.24 -29.09
N GLN B 497 0.32 36.32 -30.05
CA GLN B 497 1.26 36.34 -31.16
C GLN B 497 0.74 37.22 -32.30
N CYS B 498 -0.58 37.39 -32.39
CA CYS B 498 -1.13 38.33 -33.36
C CYS B 498 -1.15 39.75 -32.83
N GLN B 499 -1.04 39.94 -31.52
CA GLN B 499 -0.98 41.30 -30.98
C GLN B 499 0.42 41.87 -31.06
N THR B 500 1.44 41.05 -31.27
CA THR B 500 2.77 41.56 -31.60
C THR B 500 2.99 41.67 -33.09
N GLN B 501 2.19 40.95 -33.89
CA GLN B 501 2.30 41.10 -35.34
C GLN B 501 2.04 42.53 -35.76
N GLU B 502 1.11 43.19 -35.09
CA GLU B 502 0.72 44.55 -35.49
C GLU B 502 1.45 45.63 -34.70
N ARG B 503 1.31 45.66 -33.38
CA ARG B 503 1.85 46.80 -32.64
C ARG B 503 3.37 46.77 -32.61
N TYR B 504 3.97 45.59 -32.64
CA TYR B 504 5.42 45.53 -32.73
C TYR B 504 5.91 45.84 -34.13
N SER B 505 5.08 45.58 -35.15
CA SER B 505 5.56 45.71 -36.52
C SER B 505 4.62 46.44 -37.48
N LYS B 506 3.30 46.43 -37.27
CA LYS B 506 2.38 46.88 -38.31
C LYS B 506 1.78 48.25 -38.03
N GLU B 507 2.55 49.16 -37.42
CA GLU B 507 2.27 50.58 -37.56
C GLU B 507 3.53 51.41 -37.80
N TYR B 508 4.72 50.86 -37.61
CA TYR B 508 5.96 51.59 -37.72
C TYR B 508 6.91 51.04 -38.76
N ILE B 509 6.55 49.96 -39.44
CA ILE B 509 7.33 49.42 -40.55
C ILE B 509 6.44 49.24 -41.77
N GLU B 510 5.13 49.12 -41.54
CA GLU B 510 4.20 48.96 -42.65
C GLU B 510 3.74 50.30 -43.18
N LYS B 511 3.27 51.18 -42.30
CA LYS B 511 2.83 52.50 -42.73
C LYS B 511 4.01 53.37 -43.17
N PHE B 512 5.14 53.24 -42.49
CA PHE B 512 6.30 54.07 -42.80
C PHE B 512 6.78 53.86 -44.23
N LYS B 513 6.81 52.60 -44.69
CA LYS B 513 7.38 52.25 -45.98
C LYS B 513 6.31 51.74 -46.94
N ARG B 514 5.15 52.38 -46.95
CA ARG B 514 4.11 52.09 -47.94
C ARG B 514 4.24 53.16 -49.03
N GLU B 515 5.03 52.85 -50.06
CA GLU B 515 5.34 53.80 -51.11
C GLU B 515 5.25 53.12 -52.46
N GLY B 516 4.19 52.34 -52.66
CA GLY B 516 4.03 51.58 -53.88
C GLY B 516 4.77 50.26 -53.85
N ASN B 517 4.55 49.47 -52.80
CA ASN B 517 5.26 48.21 -52.63
C ASN B 517 4.36 47.02 -52.95
N GLU B 518 4.97 45.97 -53.46
CA GLU B 518 4.36 44.65 -53.52
C GLU B 518 4.55 43.88 -52.21
N LYS B 519 5.08 44.55 -51.19
CA LYS B 519 5.31 43.92 -49.90
C LYS B 519 4.02 43.74 -49.11
N GLU B 520 3.02 44.60 -49.33
CA GLU B 520 1.86 44.62 -48.44
C GLU B 520 1.00 43.38 -48.63
N ILE B 521 0.48 43.18 -49.83
CA ILE B 521 -0.55 42.16 -50.04
C ILE B 521 -0.03 40.74 -49.81
N GLN B 522 1.27 40.51 -49.97
CA GLN B 522 1.84 39.19 -49.80
C GLN B 522 2.51 39.03 -48.44
N ARG B 523 3.46 39.91 -48.13
CA ARG B 523 4.28 39.72 -46.94
C ARG B 523 3.44 39.86 -45.67
N ILE B 524 2.79 41.00 -45.51
CA ILE B 524 2.07 41.26 -44.26
C ILE B 524 0.66 40.69 -44.31
N MET B 525 -0.12 41.05 -45.33
CA MET B 525 -1.53 40.66 -45.37
C MET B 525 -1.68 39.16 -45.54
N HIS B 526 -0.96 38.57 -46.50
CA HIS B 526 -1.13 37.15 -46.77
C HIS B 526 -0.63 36.30 -45.61
N ASN B 527 0.42 36.77 -44.92
CA ASN B 527 0.88 36.10 -43.71
C ASN B 527 -0.18 36.17 -42.62
N TYR B 528 -0.61 37.39 -42.28
CA TYR B 528 -1.53 37.59 -41.17
C TYR B 528 -2.91 36.98 -41.41
N ASP B 529 -3.24 36.68 -42.66
CA ASP B 529 -4.54 36.08 -42.94
C ASP B 529 -4.49 34.56 -42.83
N LYS B 530 -3.31 33.97 -42.94
CA LYS B 530 -3.18 32.55 -42.66
C LYS B 530 -2.93 32.28 -41.18
N LEU B 531 -2.61 33.31 -40.39
CA LEU B 531 -2.62 33.18 -38.95
C LEU B 531 -4.04 33.06 -38.41
N LYS B 532 -4.90 33.99 -38.81
CA LYS B 532 -6.28 33.98 -38.33
C LYS B 532 -7.03 32.74 -38.79
N SER B 533 -6.70 32.22 -39.96
CA SER B 533 -7.25 30.93 -40.37
C SER B 533 -6.81 29.82 -39.43
N ARG B 534 -5.60 29.93 -38.88
CA ARG B 534 -5.06 28.93 -37.98
C ARG B 534 -5.53 29.14 -36.55
N ILE B 535 -5.74 30.40 -36.15
CA ILE B 535 -6.20 30.69 -34.80
C ILE B 535 -7.60 30.14 -34.58
N SER B 536 -8.50 30.32 -35.56
CA SER B 536 -9.88 29.92 -35.36
C SER B 536 -10.04 28.42 -35.51
N GLU B 537 -9.18 27.76 -36.29
CA GLU B 537 -9.26 26.31 -36.41
C GLU B 537 -8.96 25.63 -35.09
N ILE B 538 -8.21 26.29 -34.20
CA ILE B 538 -7.97 25.74 -32.87
C ILE B 538 -9.18 25.93 -31.99
N ILE B 539 -9.89 27.04 -32.14
CA ILE B 539 -11.06 27.32 -31.31
C ILE B 539 -12.25 26.47 -31.73
N ASP B 540 -12.19 25.86 -32.90
CA ASP B 540 -13.24 24.97 -33.36
C ASP B 540 -13.02 23.53 -32.95
N SER B 541 -11.79 23.15 -32.58
CA SER B 541 -11.56 21.84 -32.01
C SER B 541 -11.77 21.82 -30.50
N ARG B 542 -11.49 22.95 -29.84
CA ARG B 542 -11.83 23.05 -28.42
C ARG B 542 -13.33 22.95 -28.21
N ARG B 543 -14.11 23.65 -29.04
CA ARG B 543 -15.55 23.66 -28.87
C ARG B 543 -16.16 22.31 -29.15
N ARG B 544 -15.57 21.55 -30.07
CA ARG B 544 -16.09 20.22 -30.39
C ARG B 544 -15.79 19.22 -29.28
N LEU B 545 -14.70 19.44 -28.53
CA LEU B 545 -14.38 18.58 -27.41
C LEU B 545 -15.17 18.97 -26.17
N GLU B 546 -15.45 20.27 -26.00
CA GLU B 546 -16.24 20.70 -24.85
C GLU B 546 -17.67 20.19 -24.92
N GLU B 547 -18.13 19.80 -26.10
CA GLU B 547 -19.51 19.29 -26.20
C GLU B 547 -19.56 17.81 -25.89
N ASP B 548 -18.46 17.09 -26.08
CA ASP B 548 -18.42 15.68 -25.73
C ASP B 548 -18.09 15.48 -24.26
N LEU B 549 -17.68 16.54 -23.56
CA LEU B 549 -17.48 16.46 -22.12
C LEU B 549 -18.79 16.71 -21.37
N LYS B 550 -19.64 17.60 -21.89
CA LYS B 550 -20.96 17.78 -21.29
C LYS B 550 -21.79 16.50 -21.43
N LYS B 551 -21.75 15.89 -22.61
CA LYS B 551 -22.45 14.63 -22.81
C LYS B 551 -21.82 13.50 -22.01
N GLN B 552 -20.52 13.55 -21.80
CA GLN B 552 -19.82 12.49 -21.08
C GLN B 552 -20.00 12.63 -19.57
N ALA B 553 -20.23 13.85 -19.08
CA ALA B 553 -20.49 14.07 -17.67
C ALA B 553 -21.97 13.90 -17.31
N ALA B 554 -22.83 13.69 -18.29
CA ALA B 554 -24.24 13.41 -18.02
C ALA B 554 -24.49 11.92 -17.89
N GLU B 555 -23.88 11.11 -18.77
CA GLU B 555 -23.95 9.66 -18.61
C GLU B 555 -23.21 9.17 -17.38
N TYR B 556 -22.32 9.98 -16.81
CA TYR B 556 -21.61 9.58 -15.61
C TYR B 556 -22.46 9.77 -14.37
N ARG B 557 -23.49 10.61 -14.45
CA ARG B 557 -24.40 10.75 -13.33
C ARG B 557 -25.59 9.81 -13.43
N GLU B 558 -25.87 9.30 -14.62
CA GLU B 558 -26.91 8.29 -14.74
C GLU B 558 -26.42 6.92 -14.30
N ILE B 559 -25.12 6.65 -14.47
CA ILE B 559 -24.55 5.40 -13.99
C ILE B 559 -24.32 5.44 -12.49
N ASP B 560 -24.35 6.62 -11.88
CA ASP B 560 -24.24 6.74 -10.45
C ASP B 560 -25.59 6.81 -9.76
N LYS B 561 -26.67 7.12 -10.50
CA LYS B 561 -28.01 6.94 -9.97
C LYS B 561 -28.39 5.48 -9.92
N ARG B 562 -28.08 4.73 -10.98
CA ARG B 562 -28.49 3.33 -11.05
C ARG B 562 -27.78 2.49 -10.01
N MET B 563 -26.52 2.79 -9.71
CA MET B 563 -25.81 2.07 -8.68
C MET B 563 -26.30 2.41 -7.28
N ASN B 564 -26.99 3.53 -7.12
CA ASN B 564 -27.53 3.90 -5.82
C ASN B 564 -28.89 3.27 -5.56
N SER B 565 -29.56 2.77 -6.59
CA SER B 565 -30.82 2.07 -6.40
C SER B 565 -30.66 0.56 -6.45
N ILE B 566 -29.54 0.06 -6.97
CA ILE B 566 -29.25 -1.36 -6.90
C ILE B 566 -28.55 -1.73 -5.59
N LYS B 567 -27.73 -0.83 -5.06
CA LYS B 567 -27.00 -1.14 -3.83
C LYS B 567 -27.93 -1.42 -2.65
N PRO B 568 -29.00 -0.66 -2.44
CA PRO B 568 -29.92 -1.00 -1.33
C PRO B 568 -30.66 -2.32 -1.53
N ASP B 569 -31.09 -2.62 -2.76
CA ASP B 569 -31.84 -3.86 -3.00
C ASP B 569 -30.99 -5.09 -2.74
N LEU B 570 -29.67 -4.95 -2.76
CA LEU B 570 -28.77 -6.08 -2.72
C LEU B 570 -28.20 -6.34 -1.33
N ILE B 571 -28.45 -5.47 -0.36
CA ILE B 571 -28.22 -5.84 1.03
C ILE B 571 -29.42 -6.59 1.58
N GLN B 572 -30.63 -6.24 1.11
CA GLN B 572 -31.82 -6.92 1.60
C GLN B 572 -31.86 -8.38 1.16
N LEU B 573 -31.37 -8.67 -0.05
CA LEU B 573 -31.42 -10.04 -0.55
C LEU B 573 -30.43 -10.92 0.20
N ARG B 574 -29.23 -10.42 0.47
CA ARG B 574 -28.23 -11.22 1.17
C ARG B 574 -28.72 -11.59 2.57
N LYS B 575 -29.44 -10.69 3.23
CA LYS B 575 -29.91 -10.98 4.58
C LYS B 575 -31.09 -11.93 4.55
N THR B 576 -32.03 -11.72 3.62
CA THR B 576 -33.15 -12.64 3.47
C THR B 576 -32.73 -13.97 2.86
N ARG B 577 -31.55 -14.04 2.25
CA ARG B 577 -31.07 -15.29 1.66
C ARG B 577 -30.19 -16.06 2.63
N ASP B 578 -29.34 -15.37 3.39
CA ASP B 578 -28.48 -16.08 4.34
C ASP B 578 -29.25 -16.56 5.56
N GLN B 579 -30.36 -15.91 5.89
CA GLN B 579 -31.15 -16.38 7.01
C GLN B 579 -31.86 -17.69 6.70
N TYR B 580 -32.00 -18.05 5.42
CA TYR B 580 -32.51 -19.37 5.08
C TYR B 580 -31.45 -20.43 5.31
N LEU B 581 -30.21 -20.17 4.89
CA LEU B 581 -29.17 -21.19 4.98
C LEU B 581 -28.89 -21.58 6.43
N MET B 582 -29.18 -20.70 7.37
CA MET B 582 -28.91 -20.96 8.78
C MET B 582 -30.19 -21.06 9.62
N TRP B 583 -31.29 -21.54 9.04
CA TRP B 583 -32.41 -21.95 9.87
C TRP B 583 -33.10 -23.22 9.39
N LEU B 584 -32.91 -23.66 8.16
CA LEU B 584 -33.48 -24.92 7.68
C LEU B 584 -32.43 -25.89 7.18
N THR B 585 -31.51 -25.44 6.33
CA THR B 585 -30.57 -26.35 5.71
C THR B 585 -29.44 -26.76 6.64
N GLN B 586 -29.16 -25.98 7.67
CA GLN B 586 -28.13 -26.34 8.64
C GLN B 586 -28.70 -26.74 10.00
N LYS B 587 -29.95 -26.39 10.30
CA LYS B 587 -30.55 -26.68 11.59
C LYS B 587 -31.70 -27.67 11.49
N GLY B 588 -32.66 -27.42 10.61
CA GLY B 588 -33.78 -28.34 10.45
C GLY B 588 -33.33 -29.71 10.00
N VAL B 589 -32.33 -29.76 9.12
CA VAL B 589 -31.74 -31.02 8.67
C VAL B 589 -30.25 -30.79 8.42
N ARG B 590 -29.43 -31.74 8.87
CA ARG B 590 -28.01 -31.75 8.51
C ARG B 590 -27.89 -32.23 7.07
N GLN B 591 -27.88 -31.28 6.14
CA GLN B 591 -28.00 -31.58 4.71
C GLN B 591 -26.77 -31.09 3.97
N LYS B 592 -26.03 -32.02 3.37
CA LYS B 592 -24.93 -31.71 2.46
C LYS B 592 -25.41 -31.33 1.08
N LYS B 593 -26.73 -31.17 0.88
CA LYS B 593 -27.31 -30.74 -0.38
C LYS B 593 -27.26 -29.23 -0.56
N LEU B 594 -26.94 -28.46 0.49
CA LEU B 594 -26.91 -27.01 0.36
C LEU B 594 -25.91 -26.57 -0.70
N ASN B 595 -24.75 -27.20 -0.74
CA ASN B 595 -23.81 -26.97 -1.83
C ASN B 595 -24.25 -27.66 -3.11
N GLU B 596 -25.35 -28.41 -3.05
CA GLU B 596 -25.97 -29.07 -4.19
C GLU B 596 -27.29 -28.44 -4.60
N TRP B 597 -27.98 -27.79 -3.66
CA TRP B 597 -29.13 -26.94 -4.03
C TRP B 597 -28.73 -25.88 -5.04
N LEU B 598 -27.51 -25.38 -4.95
CA LEU B 598 -27.15 -24.10 -5.53
C LEU B 598 -26.16 -24.25 -6.67
#